data_9CLB
#
_entry.id   9CLB
#
_cell.length_a   48.497
_cell.length_b   74.493
_cell.length_c   76.315
_cell.angle_alpha   113.130
_cell.angle_beta   90.150
_cell.angle_gamma   105.510
#
_symmetry.space_group_name_H-M   'P 1'
#
loop_
_entity.id
_entity.type
_entity.pdbx_description
1 polymer 'Bcl-2 homologous antagonist/killer'
2 polymer aBAK
#
loop_
_entity_poly.entity_id
_entity_poly.type
_entity_poly.pdbx_seq_one_letter_code
_entity_poly.pdbx_strand_id
1 'polypeptide(L)'
;NRRYDSEFQTMLQHLQPTAENAYEYFTKIATSLFESGINWGRVVALLGFGYRLALHVYQHGLTGFLGQVTRFVVDFMLHH
SIARWIAQRGGWVAALNLGNG
;
A,C,E,G
2 'polypeptide(L)'
;GGADPKKVLDQAKDQMENVVRTLKQELEELAKEARKLDLTQSEKIELKLRYIVAHLAAIGDIEEAIREAKEEADKLKRAG
LVNSQQFDEFKRRLEELHKEADRKRADYAEEFRNKLEYG
;
B,D,F,H
#
# COMPACT_ATOMS: atom_id res chain seq x y z
N ASN A 1 -4.50 7.75 17.98
CA ASN A 1 -5.68 6.91 18.11
C ASN A 1 -5.47 5.58 17.36
N ARG A 2 -4.67 4.70 17.95
CA ARG A 2 -4.25 3.44 17.34
C ARG A 2 -4.61 2.22 18.17
N ARG A 3 -5.42 2.38 19.20
CA ARG A 3 -5.62 1.32 20.18
C ARG A 3 -6.25 0.06 19.59
N TYR A 4 -6.90 0.15 18.43
CA TYR A 4 -7.66 -0.98 17.90
C TYR A 4 -6.97 -1.75 16.78
N ASP A 5 -5.73 -1.42 16.42
CA ASP A 5 -5.12 -2.10 15.26
C ASP A 5 -4.84 -3.56 15.54
N SER A 6 -4.37 -3.89 16.74
CA SER A 6 -4.12 -5.29 17.06
C SER A 6 -5.40 -6.10 16.96
N GLU A 7 -6.52 -5.51 17.40
CA GLU A 7 -7.80 -6.20 17.30
C GLU A 7 -8.29 -6.29 15.86
N PHE A 8 -8.18 -5.20 15.11
CA PHE A 8 -8.57 -5.24 13.70
C PHE A 8 -7.79 -6.32 12.96
N GLN A 9 -6.50 -6.44 13.26
CA GLN A 9 -5.66 -7.44 12.59
C GLN A 9 -6.07 -8.85 12.96
N THR A 10 -6.32 -9.11 14.24
CA THR A 10 -6.70 -10.45 14.65
C THR A 10 -8.05 -10.85 14.09
N MET A 11 -8.95 -9.87 13.92
CA MET A 11 -10.23 -10.16 13.30
C MET A 11 -10.04 -10.58 11.83
N LEU A 12 -9.19 -9.87 11.09
CA LEU A 12 -9.00 -10.19 9.69
C LEU A 12 -8.34 -11.55 9.51
N GLN A 13 -7.43 -11.91 10.42
CA GLN A 13 -6.79 -13.22 10.34
C GLN A 13 -7.76 -14.33 10.72
N HIS A 14 -8.75 -14.03 11.58
CA HIS A 14 -9.77 -15.01 11.88
C HIS A 14 -10.72 -15.20 10.70
N LEU A 15 -11.10 -14.11 10.05
CA LEU A 15 -12.04 -14.19 8.94
C LEU A 15 -11.42 -14.85 7.72
N GLN A 16 -10.13 -14.64 7.49
CA GLN A 16 -9.43 -15.13 6.29
C GLN A 16 -10.17 -14.73 5.01
N PRO A 17 -10.32 -13.44 4.75
CA PRO A 17 -11.02 -13.00 3.54
C PRO A 17 -10.10 -13.00 2.33
N THR A 18 -10.72 -13.01 1.15
CA THR A 18 -10.02 -12.94 -0.13
C THR A 18 -10.49 -11.71 -0.88
N ALA A 19 -9.85 -11.46 -2.03
CA ALA A 19 -10.27 -10.33 -2.86
C ALA A 19 -11.68 -10.50 -3.40
N GLU A 20 -12.13 -11.75 -3.57
CA GLU A 20 -13.44 -11.99 -4.16
C GLU A 20 -14.56 -11.83 -3.15
N ASN A 21 -14.35 -12.29 -1.92
CA ASN A 21 -15.42 -12.30 -0.91
C ASN A 21 -15.28 -11.20 0.13
N ALA A 22 -14.28 -10.32 0.02
CA ALA A 22 -14.10 -9.31 1.05
C ALA A 22 -15.28 -8.33 1.06
N TYR A 23 -15.71 -7.87 -0.11
CA TYR A 23 -16.81 -6.91 -0.15
C TYR A 23 -18.12 -7.54 0.29
N GLU A 24 -18.38 -8.79 -0.09
CA GLU A 24 -19.57 -9.49 0.40
C GLU A 24 -19.55 -9.63 1.91
N TYR A 25 -18.41 -10.09 2.45
CA TYR A 25 -18.28 -10.18 3.90
C TYR A 25 -18.45 -8.83 4.56
N PHE A 26 -17.90 -7.78 3.96
CA PHE A 26 -18.00 -6.46 4.58
C PHE A 26 -19.44 -5.96 4.59
N THR A 27 -20.16 -6.10 3.47
CA THR A 27 -21.53 -5.60 3.42
C THR A 27 -22.43 -6.34 4.40
N LYS A 28 -22.20 -7.64 4.59
CA LYS A 28 -22.96 -8.36 5.59
C LYS A 28 -22.64 -7.86 7.00
N ILE A 29 -21.35 -7.63 7.29
CA ILE A 29 -20.97 -7.08 8.59
C ILE A 29 -21.61 -5.71 8.80
N ALA A 30 -21.49 -4.83 7.81
CA ALA A 30 -22.01 -3.48 7.93
C ALA A 30 -23.51 -3.48 8.16
N THR A 31 -24.24 -4.35 7.46
CA THR A 31 -25.70 -4.35 7.58
C THR A 31 -26.14 -4.82 8.97
N SER A 32 -25.60 -5.95 9.42
CA SER A 32 -25.96 -6.45 10.75
C SER A 32 -25.61 -5.45 11.83
N LEU A 33 -24.51 -4.73 11.66
CA LEU A 33 -24.10 -3.76 12.67
C LEU A 33 -25.08 -2.59 12.72
N PHE A 34 -25.36 -1.96 11.58
CA PHE A 34 -26.24 -0.80 11.58
C PHE A 34 -27.69 -1.17 11.85
N GLU A 35 -28.11 -2.38 11.51
CA GLU A 35 -29.46 -2.81 11.86
C GLU A 35 -29.64 -2.93 13.38
N SER A 36 -28.57 -3.22 14.11
CA SER A 36 -28.64 -3.24 15.57
C SER A 36 -28.42 -1.87 16.20
N GLY A 37 -28.05 -0.87 15.41
CA GLY A 37 -27.84 0.47 15.93
C GLY A 37 -26.72 1.21 15.21
N ILE A 38 -26.90 2.52 15.01
CA ILE A 38 -25.90 3.38 14.39
C ILE A 38 -25.54 4.50 15.36
N ASN A 39 -24.24 4.72 15.54
CA ASN A 39 -23.77 5.87 16.31
C ASN A 39 -22.40 6.26 15.77
N TRP A 40 -21.85 7.35 16.32
CA TRP A 40 -20.57 7.88 15.85
C TRP A 40 -19.48 6.82 15.93
N GLY A 41 -19.38 6.14 17.08
CA GLY A 41 -18.31 5.18 17.28
C GLY A 41 -18.42 3.97 16.37
N ARG A 42 -19.65 3.54 16.06
CA ARG A 42 -19.86 2.39 15.19
C ARG A 42 -19.56 2.72 13.73
N VAL A 43 -19.85 3.95 13.30
CA VAL A 43 -19.49 4.36 11.95
C VAL A 43 -17.98 4.47 11.83
N VAL A 44 -17.30 4.99 12.86
CA VAL A 44 -15.84 5.06 12.83
C VAL A 44 -15.23 3.66 12.84
N ALA A 45 -15.74 2.79 13.72
CA ALA A 45 -15.19 1.43 13.81
C ALA A 45 -15.41 0.65 12.52
N LEU A 46 -16.58 0.81 11.90
CA LEU A 46 -16.85 0.09 10.66
C LEU A 46 -15.96 0.57 9.53
N LEU A 47 -15.87 1.89 9.34
CA LEU A 47 -14.98 2.43 8.32
C LEU A 47 -13.53 2.05 8.61
N GLY A 48 -13.13 2.05 9.88
CA GLY A 48 -11.82 1.57 10.22
C GLY A 48 -11.60 0.13 9.81
N PHE A 49 -12.58 -0.73 10.07
CA PHE A 49 -12.53 -2.12 9.61
C PHE A 49 -12.51 -2.19 8.09
N GLY A 50 -13.34 -1.38 7.44
CA GLY A 50 -13.41 -1.44 5.99
C GLY A 50 -12.08 -1.17 5.33
N TYR A 51 -11.40 -0.11 5.78
N TYR A 51 -11.38 -0.11 5.78
CA TYR A 51 -10.13 0.29 5.18
CA TYR A 51 -10.14 0.24 5.07
C TYR A 51 -9.07 -0.77 5.41
C TYR A 51 -8.96 -0.63 5.47
N ARG A 52 -9.04 -1.34 6.60
CA ARG A 52 -8.01 -2.31 6.93
C ARG A 52 -8.28 -3.65 6.27
N LEU A 53 -9.55 -3.95 6.02
CA LEU A 53 -9.90 -5.12 5.22
C LEU A 53 -9.38 -4.97 3.80
N ALA A 54 -9.49 -3.76 3.24
CA ALA A 54 -8.94 -3.51 1.91
C ALA A 54 -7.42 -3.66 1.90
N LEU A 55 -6.75 -3.10 2.90
CA LEU A 55 -5.30 -3.23 2.99
C LEU A 55 -4.89 -4.68 3.22
N HIS A 56 -5.66 -5.42 4.01
CA HIS A 56 -5.36 -6.82 4.26
C HIS A 56 -5.47 -7.65 2.99
N VAL A 57 -6.52 -7.41 2.21
CA VAL A 57 -6.73 -8.19 1.00
C VAL A 57 -5.67 -7.85 -0.05
N TYR A 58 -5.31 -6.57 -0.15
CA TYR A 58 -4.44 -6.15 -1.24
C TYR A 58 -2.95 -6.23 -0.88
N GLN A 59 -2.60 -6.13 0.40
CA GLN A 59 -1.20 -6.39 0.75
C GLN A 59 -0.88 -7.87 0.55
N HIS A 60 -1.89 -8.74 0.66
CA HIS A 60 -1.69 -10.15 0.36
C HIS A 60 -1.26 -10.33 -1.10
N GLY A 61 -1.95 -9.63 -2.01
CA GLY A 61 -1.57 -9.73 -3.41
C GLY A 61 -0.27 -9.02 -3.73
N LEU A 62 0.04 -7.96 -2.98
CA LEU A 62 1.26 -7.20 -3.25
C LEU A 62 2.51 -8.02 -2.92
N THR A 63 2.56 -8.60 -1.71
CA THR A 63 3.73 -9.41 -1.34
C THR A 63 3.91 -10.60 -2.26
N GLY A 64 2.82 -11.11 -2.82
CA GLY A 64 2.92 -12.21 -3.77
C GLY A 64 3.62 -11.78 -5.04
N PHE A 65 3.18 -10.68 -5.63
CA PHE A 65 3.79 -10.18 -6.86
C PHE A 65 5.24 -9.78 -6.62
N LEU A 66 5.53 -9.15 -5.48
CA LEU A 66 6.91 -8.83 -5.16
C LEU A 66 7.75 -10.09 -5.06
N GLY A 67 7.19 -11.16 -4.48
CA GLY A 67 7.91 -12.42 -4.44
C GLY A 67 8.21 -12.98 -5.83
N GLN A 68 7.23 -12.90 -6.73
CA GLN A 68 7.44 -13.40 -8.09
C GLN A 68 8.49 -12.58 -8.81
N VAL A 69 8.44 -11.25 -8.66
CA VAL A 69 9.38 -10.39 -9.37
C VAL A 69 10.79 -10.60 -8.86
N THR A 70 10.96 -10.63 -7.54
CA THR A 70 12.28 -10.78 -6.97
C THR A 70 12.88 -12.15 -7.30
N ARG A 71 12.08 -13.20 -7.13
CA ARG A 71 12.55 -14.55 -7.43
C ARG A 71 12.93 -14.70 -8.91
N PHE A 72 12.21 -14.02 -9.81
CA PHE A 72 12.55 -14.07 -11.23
C PHE A 72 13.89 -13.40 -11.50
N VAL A 73 14.12 -12.21 -10.94
CA VAL A 73 15.32 -11.45 -11.26
C VAL A 73 16.58 -12.19 -10.78
N VAL A 74 16.52 -12.77 -9.58
CA VAL A 74 17.67 -13.51 -9.08
C VAL A 74 17.80 -14.84 -9.80
N ASP A 75 16.69 -15.41 -10.28
CA ASP A 75 16.76 -16.63 -11.09
C ASP A 75 17.51 -16.40 -12.38
N PHE A 76 17.25 -15.26 -13.04
CA PHE A 76 17.98 -14.92 -14.25
C PHE A 76 19.46 -14.65 -13.94
N MET A 77 19.76 -14.06 -12.79
CA MET A 77 21.15 -13.90 -12.42
C MET A 77 21.78 -15.22 -11.98
N LEU A 78 20.97 -16.25 -11.70
CA LEU A 78 21.51 -17.53 -11.28
C LEU A 78 21.84 -18.46 -12.46
N HIS A 79 20.89 -18.64 -13.38
CA HIS A 79 21.13 -19.54 -14.51
C HIS A 79 21.92 -18.87 -15.63
N HIS A 80 21.68 -17.58 -15.86
CA HIS A 80 22.42 -16.86 -16.90
C HIS A 80 23.60 -16.09 -16.32
N ALA B 3 -14.56 16.39 42.68
CA ALA B 3 -15.48 15.31 43.01
C ALA B 3 -16.54 15.16 41.91
N ASP B 4 -16.82 16.26 41.21
CA ASP B 4 -17.77 16.20 40.11
C ASP B 4 -17.19 15.45 38.90
N PRO B 5 -15.91 15.65 38.55
CA PRO B 5 -15.32 14.76 37.53
C PRO B 5 -15.27 13.31 37.97
N LYS B 6 -15.17 13.04 39.27
CA LYS B 6 -15.18 11.65 39.72
C LYS B 6 -16.52 10.98 39.44
N LYS B 7 -17.61 11.75 39.43
CA LYS B 7 -18.91 11.18 39.08
C LYS B 7 -18.99 10.87 37.59
N VAL B 8 -18.44 11.74 36.75
CA VAL B 8 -18.45 11.52 35.30
C VAL B 8 -17.64 10.27 34.96
N LEU B 9 -16.54 10.04 35.69
CA LEU B 9 -15.73 8.85 35.45
C LEU B 9 -16.49 7.59 35.84
N ASP B 10 -17.31 7.66 36.90
CA ASP B 10 -18.13 6.52 37.28
C ASP B 10 -19.19 6.22 36.24
N GLN B 11 -19.70 7.25 35.57
CA GLN B 11 -20.66 7.00 34.49
C GLN B 11 -19.99 6.25 33.35
N ALA B 12 -18.77 6.63 32.99
CA ALA B 12 -18.04 5.98 31.90
C ALA B 12 -17.60 4.57 32.27
N LYS B 13 -17.18 4.35 33.52
CA LYS B 13 -16.75 3.03 33.95
C LYS B 13 -17.89 2.03 33.91
N ASP B 14 -19.06 2.40 34.43
CA ASP B 14 -20.20 1.49 34.41
C ASP B 14 -20.68 1.26 32.99
N GLN B 15 -20.72 2.31 32.17
CA GLN B 15 -21.20 2.16 30.80
C GLN B 15 -20.24 1.28 29.98
N MET B 16 -18.93 1.47 30.14
CA MET B 16 -18.01 0.62 29.40
C MET B 16 -18.07 -0.83 29.88
N GLU B 17 -18.40 -1.06 31.15
CA GLU B 17 -18.46 -2.43 31.64
C GLU B 17 -19.73 -3.14 31.21
N ASN B 18 -20.85 -2.42 31.06
CA ASN B 18 -22.04 -3.04 30.48
C ASN B 18 -21.78 -3.44 29.03
N VAL B 19 -21.08 -2.58 28.28
CA VAL B 19 -20.72 -2.88 26.90
C VAL B 19 -19.90 -4.16 26.84
N VAL B 20 -18.90 -4.28 27.73
CA VAL B 20 -18.04 -5.44 27.73
C VAL B 20 -18.80 -6.68 28.18
N ARG B 21 -19.80 -6.51 29.04
CA ARG B 21 -20.66 -7.63 29.42
C ARG B 21 -21.63 -8.01 28.31
N THR B 22 -22.17 -7.01 27.59
CA THR B 22 -22.98 -7.34 26.41
C THR B 22 -22.18 -8.14 25.40
N LEU B 23 -20.91 -7.77 25.19
CA LEU B 23 -20.05 -8.55 24.32
C LEU B 23 -19.83 -9.95 24.87
N LYS B 24 -19.63 -10.07 26.20
CA LYS B 24 -19.40 -11.38 26.79
C LYS B 24 -20.59 -12.31 26.55
N GLN B 25 -21.80 -11.79 26.78
CA GLN B 25 -23.00 -12.63 26.71
C GLN B 25 -23.31 -13.06 25.29
N GLU B 26 -23.06 -12.19 24.30
CA GLU B 26 -23.31 -12.60 22.93
C GLU B 26 -22.22 -13.55 22.43
N LEU B 27 -20.97 -13.40 22.88
CA LEU B 27 -19.93 -14.34 22.49
C LEU B 27 -20.16 -15.72 23.10
N GLU B 28 -20.79 -15.79 24.27
CA GLU B 28 -21.21 -17.09 24.79
C GLU B 28 -22.29 -17.70 23.92
N GLU B 29 -23.25 -16.87 23.48
CA GLU B 29 -24.31 -17.37 22.61
C GLU B 29 -23.75 -17.85 21.27
N LEU B 30 -22.74 -17.15 20.73
CA LEU B 30 -22.13 -17.60 19.48
C LEU B 30 -21.33 -18.89 19.68
N ALA B 31 -20.66 -19.02 20.83
CA ALA B 31 -19.89 -20.23 21.08
C ALA B 31 -20.80 -21.45 21.26
N LYS B 32 -21.98 -21.26 21.84
CA LYS B 32 -22.93 -22.36 21.94
C LYS B 32 -23.37 -22.85 20.56
N GLU B 33 -23.62 -21.90 19.64
CA GLU B 33 -24.00 -22.27 18.29
C GLU B 33 -22.81 -22.82 17.49
N ALA B 34 -21.59 -22.59 17.96
CA ALA B 34 -20.43 -23.17 17.29
C ALA B 34 -20.22 -24.62 17.71
N ARG B 35 -20.84 -25.04 18.81
CA ARG B 35 -20.85 -26.41 19.30
C ARG B 35 -21.92 -27.26 18.63
N LYS B 36 -22.61 -26.71 17.64
CA LYS B 36 -23.63 -27.45 16.92
C LYS B 36 -23.03 -28.68 16.25
N LEU B 37 -23.77 -29.79 16.28
CA LEU B 37 -23.32 -31.01 15.63
C LEU B 37 -23.49 -30.88 14.13
N ASP B 38 -22.55 -31.45 13.37
CA ASP B 38 -22.56 -31.36 11.91
C ASP B 38 -22.61 -29.90 11.44
N LEU B 39 -21.69 -29.09 11.97
CA LEU B 39 -21.61 -27.69 11.60
C LEU B 39 -20.94 -27.56 10.23
N THR B 40 -21.64 -26.93 9.29
CA THR B 40 -21.11 -26.75 7.95
C THR B 40 -19.98 -25.71 7.96
N GLN B 41 -19.15 -25.76 6.92
CA GLN B 41 -18.13 -24.73 6.76
C GLN B 41 -18.75 -23.36 6.52
N SER B 42 -19.92 -23.30 5.88
CA SER B 42 -20.62 -22.03 5.69
C SER B 42 -21.14 -21.48 7.02
N GLU B 43 -21.75 -22.33 7.84
CA GLU B 43 -22.23 -21.89 9.15
C GLU B 43 -21.08 -21.44 10.04
N LYS B 44 -19.90 -22.04 9.89
CA LYS B 44 -18.74 -21.56 10.64
C LYS B 44 -18.35 -20.16 10.17
N ILE B 45 -18.50 -19.88 8.87
CA ILE B 45 -18.19 -18.54 8.38
C ILE B 45 -19.21 -17.54 8.89
N GLU B 46 -20.49 -17.93 8.93
CA GLU B 46 -21.53 -17.04 9.46
C GLU B 46 -21.31 -16.76 10.94
N LEU B 47 -20.70 -17.69 11.67
CA LEU B 47 -20.33 -17.40 13.05
C LEU B 47 -19.16 -16.43 13.11
N LYS B 48 -18.23 -16.50 12.16
CA LYS B 48 -17.14 -15.55 12.15
C LYS B 48 -17.63 -14.14 11.87
N LEU B 49 -18.56 -14.00 10.91
CA LEU B 49 -19.10 -12.68 10.61
C LEU B 49 -19.88 -12.12 11.77
N ARG B 50 -20.68 -12.95 12.44
CA ARG B 50 -21.44 -12.48 13.59
C ARG B 50 -20.52 -12.08 14.74
N TYR B 51 -19.35 -12.72 14.85
CA TYR B 51 -18.38 -12.31 15.87
C TYR B 51 -17.82 -10.93 15.57
N ILE B 52 -17.48 -10.67 14.32
CA ILE B 52 -16.90 -9.38 13.95
C ILE B 52 -17.92 -8.27 14.18
N VAL B 53 -19.20 -8.54 13.90
CA VAL B 53 -20.25 -7.57 14.17
C VAL B 53 -20.28 -7.24 15.66
N ALA B 54 -20.17 -8.26 16.52
CA ALA B 54 -20.22 -8.02 17.96
C ALA B 54 -18.98 -7.29 18.45
N HIS B 55 -17.81 -7.64 17.91
CA HIS B 55 -16.58 -6.99 18.33
C HIS B 55 -16.53 -5.54 17.86
N LEU B 56 -17.06 -5.26 16.67
CA LEU B 56 -17.11 -3.88 16.20
C LEU B 56 -18.09 -3.07 17.03
N ALA B 57 -19.25 -3.65 17.36
CA ALA B 57 -20.20 -2.96 18.23
C ALA B 57 -19.57 -2.64 19.59
N ALA B 58 -18.78 -3.56 20.13
CA ALA B 58 -18.11 -3.30 21.41
C ALA B 58 -17.07 -2.20 21.28
N ILE B 59 -16.38 -2.12 20.15
CA ILE B 59 -15.43 -1.04 19.95
C ILE B 59 -16.16 0.29 19.83
N GLY B 60 -17.15 0.37 18.95
CA GLY B 60 -17.81 1.63 18.69
C GLY B 60 -18.61 2.16 19.87
N ASP B 61 -19.18 1.26 20.67
CA ASP B 61 -19.96 1.70 21.82
C ASP B 61 -19.06 2.16 22.97
N ILE B 62 -17.85 1.63 23.07
CA ILE B 62 -16.88 2.17 24.03
C ILE B 62 -16.36 3.52 23.54
N GLU B 63 -16.12 3.62 22.23
CA GLU B 63 -15.76 4.89 21.62
C GLU B 63 -16.88 5.92 21.73
N GLU B 64 -18.12 5.46 21.93
CA GLU B 64 -19.23 6.37 22.13
C GLU B 64 -19.28 6.88 23.57
N ALA B 65 -19.02 5.99 24.54
CA ALA B 65 -19.01 6.40 25.94
C ALA B 65 -17.84 7.34 26.23
N ILE B 66 -16.68 7.11 25.60
CA ILE B 66 -15.54 7.99 25.78
C ILE B 66 -15.84 9.38 25.25
N ARG B 67 -16.50 9.47 24.09
CA ARG B 67 -16.80 10.77 23.50
C ARG B 67 -17.73 11.59 24.38
N GLU B 68 -18.77 10.94 24.92
CA GLU B 68 -19.73 11.65 25.77
C GLU B 68 -19.08 12.11 27.07
N ALA B 69 -18.18 11.29 27.63
CA ALA B 69 -17.50 11.70 28.86
C ALA B 69 -16.61 12.91 28.62
N LYS B 70 -15.93 12.96 27.47
CA LYS B 70 -15.08 14.11 27.17
C LYS B 70 -15.90 15.37 26.96
N GLU B 71 -17.10 15.24 26.38
CA GLU B 71 -17.96 16.40 26.18
C GLU B 71 -18.59 16.85 27.48
N GLU B 72 -18.89 15.92 28.39
CA GLU B 72 -19.39 16.30 29.71
C GLU B 72 -18.34 17.05 30.50
N ALA B 73 -17.05 16.73 30.28
CA ALA B 73 -15.98 17.46 30.93
C ALA B 73 -15.69 18.78 30.22
N ASP B 74 -15.87 18.85 28.90
CA ASP B 74 -15.70 20.12 28.20
C ASP B 74 -16.71 21.14 28.69
N LYS B 75 -17.92 20.71 29.04
CA LYS B 75 -18.89 21.61 29.65
C LYS B 75 -18.39 22.11 31.01
N LEU B 76 -17.85 21.21 31.83
CA LEU B 76 -17.38 21.61 33.15
C LEU B 76 -16.20 22.59 33.05
N LYS B 77 -15.32 22.38 32.07
CA LYS B 77 -14.17 23.28 31.91
C LYS B 77 -14.62 24.67 31.48
N ARG B 78 -15.53 24.76 30.52
CA ARG B 78 -15.97 26.07 30.03
C ARG B 78 -16.71 26.84 31.12
N ALA B 79 -17.49 26.15 31.96
CA ALA B 79 -18.15 26.82 33.06
C ALA B 79 -17.15 27.32 34.09
N GLY B 80 -16.10 26.55 34.34
CA GLY B 80 -15.08 26.91 35.30
C GLY B 80 -15.07 26.08 36.57
N LEU B 81 -15.80 24.97 36.60
CA LEU B 81 -15.83 24.12 37.79
C LEU B 81 -14.55 23.31 37.97
N VAL B 82 -13.78 23.12 36.91
CA VAL B 82 -12.50 22.41 36.97
C VAL B 82 -11.41 23.31 36.41
N ASN B 83 -10.23 23.26 37.03
CA ASN B 83 -9.09 24.00 36.54
C ASN B 83 -8.30 23.15 35.55
N SER B 84 -7.17 23.69 35.06
CA SER B 84 -6.38 22.96 34.08
C SER B 84 -5.80 21.67 34.66
N GLN B 85 -5.37 21.70 35.92
CA GLN B 85 -4.79 20.50 36.53
C GLN B 85 -5.83 19.43 36.74
N GLN B 86 -7.02 19.82 37.22
CA GLN B 86 -8.11 18.87 37.43
C GLN B 86 -8.68 18.37 36.10
N PHE B 87 -8.71 19.23 35.07
CA PHE B 87 -9.19 18.79 33.77
C PHE B 87 -8.23 17.79 33.13
N ASP B 88 -6.93 18.08 33.17
CA ASP B 88 -5.96 17.18 32.57
C ASP B 88 -5.83 15.89 33.36
N GLU B 89 -6.13 15.91 34.66
CA GLU B 89 -6.23 14.67 35.41
C GLU B 89 -7.42 13.83 34.96
N PHE B 90 -8.53 14.48 34.57
CA PHE B 90 -9.69 13.74 34.10
C PHE B 90 -9.34 12.93 32.85
N LYS B 91 -8.78 13.58 31.84
CA LYS B 91 -8.46 12.88 30.61
C LYS B 91 -7.38 11.82 30.82
N ARG B 92 -6.54 11.97 31.84
CA ARG B 92 -5.53 10.95 32.14
C ARG B 92 -6.17 9.70 32.73
N ARG B 93 -7.06 9.87 33.71
CA ARG B 93 -7.77 8.72 34.27
C ARG B 93 -8.88 8.21 33.36
N LEU B 94 -9.41 9.04 32.47
CA LEU B 94 -10.33 8.51 31.47
C LEU B 94 -9.62 7.61 30.48
N GLU B 95 -8.35 7.87 30.21
CA GLU B 95 -7.59 7.05 29.29
C GLU B 95 -7.21 5.70 29.89
N GLU B 96 -7.00 5.65 31.20
CA GLU B 96 -6.71 4.37 31.85
C GLU B 96 -7.96 3.47 31.89
N LEU B 97 -9.13 4.05 32.17
CA LEU B 97 -10.36 3.29 32.04
C LEU B 97 -10.56 2.79 30.62
N HIS B 98 -10.17 3.61 29.63
CA HIS B 98 -10.30 3.20 28.24
C HIS B 98 -9.33 2.06 27.91
N LYS B 99 -8.07 2.18 28.38
CA LYS B 99 -7.11 1.09 28.17
C LYS B 99 -7.56 -0.19 28.86
N GLU B 100 -8.29 -0.05 29.98
CA GLU B 100 -8.76 -1.22 30.71
C GLU B 100 -9.93 -1.88 29.99
N ALA B 101 -10.87 -1.08 29.47
CA ALA B 101 -11.97 -1.65 28.72
C ALA B 101 -11.48 -2.32 27.45
N ASP B 102 -10.40 -1.81 26.85
CA ASP B 102 -9.82 -2.41 25.66
C ASP B 102 -9.21 -3.77 25.96
N ARG B 103 -8.57 -3.91 27.13
CA ARG B 103 -7.96 -5.19 27.47
C ARG B 103 -9.03 -6.25 27.70
N LYS B 104 -10.11 -5.88 28.39
CA LYS B 104 -11.18 -6.83 28.67
C LYS B 104 -11.94 -7.20 27.41
N ARG B 105 -12.18 -6.23 26.53
CA ARG B 105 -12.82 -6.50 25.25
C ARG B 105 -11.99 -7.45 24.42
N ALA B 106 -10.68 -7.18 24.33
CA ALA B 106 -9.80 -8.01 23.51
C ALA B 106 -9.65 -9.42 24.09
N ASP B 107 -9.65 -9.55 25.42
CA ASP B 107 -9.50 -10.87 26.03
C ASP B 107 -10.73 -11.73 25.79
N TYR B 108 -11.92 -11.13 25.77
CA TYR B 108 -13.12 -11.88 25.43
C TYR B 108 -13.10 -12.33 23.97
N ALA B 109 -12.71 -11.46 23.05
CA ALA B 109 -12.65 -11.87 21.65
C ALA B 109 -11.55 -12.89 21.43
N GLU B 110 -10.42 -12.74 22.12
CA GLU B 110 -9.30 -13.66 21.94
C GLU B 110 -9.65 -15.08 22.39
N GLU B 111 -10.31 -15.21 23.54
CA GLU B 111 -10.67 -16.55 24.01
C GLU B 111 -11.79 -17.15 23.15
N PHE B 112 -12.67 -16.30 22.60
CA PHE B 112 -13.70 -16.81 21.70
C PHE B 112 -13.09 -17.35 20.41
N ARG B 113 -12.15 -16.60 19.82
CA ARG B 113 -11.50 -17.07 18.60
C ARG B 113 -10.84 -18.43 18.83
N ASN B 114 -10.25 -18.62 20.01
CA ASN B 114 -9.59 -19.87 20.34
C ASN B 114 -10.59 -21.01 20.47
N LYS B 115 -11.80 -20.71 20.93
CA LYS B 115 -12.82 -21.75 21.02
C LYS B 115 -13.30 -22.17 19.64
N LEU B 116 -13.57 -21.20 18.77
CA LEU B 116 -13.95 -21.49 17.39
C LEU B 116 -12.74 -21.84 16.54
N ASN C 1 -17.29 3.92 -11.50
CA ASN C 1 -16.85 4.04 -10.11
C ASN C 1 -15.41 4.56 -10.04
N ARG C 2 -14.79 4.70 -11.21
CA ARG C 2 -13.39 5.09 -11.32
C ARG C 2 -13.22 6.37 -12.12
N ARG C 3 -14.32 7.03 -12.48
CA ARG C 3 -14.30 8.14 -13.42
C ARG C 3 -13.50 9.33 -12.89
N TYR C 4 -13.33 9.43 -11.58
CA TYR C 4 -12.67 10.56 -10.96
C TYR C 4 -11.24 10.25 -10.56
N ASP C 5 -10.74 9.06 -10.92
CA ASP C 5 -9.42 8.65 -10.43
C ASP C 5 -8.33 9.50 -11.05
N SER C 6 -8.42 9.79 -12.35
CA SER C 6 -7.43 10.65 -13.00
C SER C 6 -7.50 12.06 -12.44
N GLU C 7 -8.70 12.56 -12.15
CA GLU C 7 -8.82 13.91 -11.59
C GLU C 7 -8.28 13.97 -10.17
N PHE C 8 -8.62 13.00 -9.34
CA PHE C 8 -8.05 12.92 -7.99
C PHE C 8 -6.54 12.90 -8.04
N GLN C 9 -5.97 12.17 -9.01
CA GLN C 9 -4.52 12.09 -9.13
C GLN C 9 -3.93 13.44 -9.54
N THR C 10 -4.57 14.11 -10.49
CA THR C 10 -4.05 15.39 -10.96
C THR C 10 -4.11 16.46 -9.87
N MET C 11 -5.11 16.39 -8.99
CA MET C 11 -5.17 17.32 -7.89
C MET C 11 -4.01 17.14 -6.92
N LEU C 12 -3.68 15.89 -6.58
CA LEU C 12 -2.61 15.65 -5.62
C LEU C 12 -1.25 16.03 -6.20
N GLN C 13 -1.03 15.79 -7.50
CA GLN C 13 0.24 16.18 -8.10
C GLN C 13 0.36 17.69 -8.22
N HIS C 14 -0.77 18.39 -8.33
CA HIS C 14 -0.75 19.85 -8.32
C HIS C 14 -0.45 20.38 -6.92
N LEU C 15 -1.06 19.77 -5.91
CA LEU C 15 -0.86 20.22 -4.54
C LEU C 15 0.54 19.90 -4.05
N GLN C 16 1.12 18.79 -4.50
CA GLN C 16 2.42 18.31 -4.03
C GLN C 16 2.48 18.25 -2.50
N PRO C 17 1.64 17.44 -1.87
CA PRO C 17 1.65 17.36 -0.41
C PRO C 17 2.73 16.41 0.08
N THR C 18 3.07 16.57 1.36
CA THR C 18 4.02 15.71 2.04
C THR C 18 3.35 15.06 3.24
N ALA C 19 4.07 14.15 3.90
CA ALA C 19 3.53 13.51 5.10
C ALA C 19 3.30 14.51 6.22
N GLU C 20 4.08 15.61 6.23
CA GLU C 20 4.00 16.58 7.32
C GLU C 20 2.81 17.51 7.16
N ASN C 21 2.51 17.93 5.93
CA ASN C 21 1.47 18.92 5.67
C ASN C 21 0.18 18.33 5.13
N ALA C 22 0.09 17.00 4.98
CA ALA C 22 -1.10 16.41 4.38
C ALA C 22 -2.34 16.61 5.26
N TYR C 23 -2.22 16.38 6.57
CA TYR C 23 -3.39 16.48 7.43
C TYR C 23 -3.85 17.93 7.56
N GLU C 24 -2.91 18.87 7.66
CA GLU C 24 -3.28 20.28 7.69
C GLU C 24 -4.01 20.67 6.40
N TYR C 25 -3.45 20.31 5.24
CA TYR C 25 -4.09 20.63 3.97
C TYR C 25 -5.48 20.03 3.87
N PHE C 26 -5.63 18.77 4.32
CA PHE C 26 -6.92 18.09 4.21
C PHE C 26 -8.00 18.75 5.07
N THR C 27 -7.66 19.09 6.31
CA THR C 27 -8.66 19.69 7.20
C THR C 27 -9.09 21.05 6.70
N LYS C 28 -8.14 21.81 6.11
CA LYS C 28 -8.51 23.09 5.52
C LYS C 28 -9.43 22.90 4.33
N ILE C 29 -9.12 21.93 3.47
CA ILE C 29 -10.00 21.60 2.36
C ILE C 29 -11.36 21.15 2.87
N ALA C 30 -11.37 20.22 3.83
CA ALA C 30 -12.63 19.67 4.34
C ALA C 30 -13.51 20.74 4.96
N THR C 31 -12.92 21.66 5.70
CA THR C 31 -13.72 22.67 6.39
C THR C 31 -14.37 23.63 5.39
N SER C 32 -13.59 24.16 4.44
CA SER C 32 -14.17 25.08 3.46
C SER C 32 -15.29 24.42 2.66
N LEU C 33 -15.14 23.13 2.37
CA LEU C 33 -16.15 22.41 1.59
C LEU C 33 -17.46 22.25 2.37
N PHE C 34 -17.37 21.70 3.58
CA PHE C 34 -18.59 21.46 4.33
C PHE C 34 -19.21 22.76 4.85
N GLU C 35 -18.38 23.79 5.10
CA GLU C 35 -18.95 25.08 5.48
C GLU C 35 -19.73 25.69 4.32
N SER C 36 -19.37 25.33 3.09
CA SER C 36 -20.08 25.77 1.90
C SER C 36 -21.27 24.88 1.56
N GLY C 37 -21.42 23.73 2.23
CA GLY C 37 -22.53 22.83 1.99
C GLY C 37 -22.15 21.37 2.16
N ILE C 38 -23.05 20.57 2.74
CA ILE C 38 -22.83 19.14 2.94
C ILE C 38 -23.93 18.35 2.24
N ASN C 39 -23.54 17.36 1.45
CA ASN C 39 -24.49 16.42 0.88
C ASN C 39 -23.78 15.10 0.64
N TRP C 40 -24.54 14.10 0.18
CA TRP C 40 -23.98 12.77 -0.04
C TRP C 40 -22.77 12.81 -0.96
N GLY C 41 -22.88 13.52 -2.09
CA GLY C 41 -21.81 13.51 -3.08
C GLY C 41 -20.54 14.15 -2.59
N ARG C 42 -20.66 15.22 -1.79
CA ARG C 42 -19.48 15.91 -1.27
C ARG C 42 -18.77 15.11 -0.19
N VAL C 43 -19.53 14.36 0.62
CA VAL C 43 -18.90 13.52 1.63
C VAL C 43 -18.17 12.35 0.95
N VAL C 44 -18.76 11.79 -0.11
CA VAL C 44 -18.07 10.72 -0.84
C VAL C 44 -16.83 11.26 -1.52
N ALA C 45 -16.94 12.42 -2.18
CA ALA C 45 -15.80 13.01 -2.86
C ALA C 45 -14.70 13.39 -1.88
N LEU C 46 -15.06 13.92 -0.71
CA LEU C 46 -14.03 14.30 0.26
C LEU C 46 -13.33 13.07 0.82
N LEU C 47 -14.08 12.05 1.22
CA LEU C 47 -13.46 10.82 1.68
C LEU C 47 -12.64 10.17 0.58
N GLY C 48 -13.14 10.21 -0.65
CA GLY C 48 -12.36 9.71 -1.77
C GLY C 48 -11.03 10.43 -1.92
N PHE C 49 -11.05 11.76 -1.80
CA PHE C 49 -9.82 12.54 -1.80
C PHE C 49 -8.95 12.18 -0.60
N GLY C 50 -9.57 12.02 0.57
CA GLY C 50 -8.81 11.73 1.77
C GLY C 50 -8.02 10.44 1.66
N TYR C 51 -8.65 9.36 1.21
N TYR C 51 -8.68 9.36 1.24
CA TYR C 51 -7.93 8.09 1.18
CA TYR C 51 -8.02 8.06 1.11
C TYR C 51 -6.96 8.00 0.01
C TYR C 51 -6.91 8.10 0.07
N ARG C 52 -7.15 8.78 -1.05
CA ARG C 52 -6.14 8.87 -2.10
C ARG C 52 -5.00 9.80 -1.72
N LEU C 53 -5.27 10.81 -0.90
CA LEU C 53 -4.19 11.61 -0.35
C LEU C 53 -3.27 10.78 0.52
N ALA C 54 -3.84 9.87 1.32
CA ALA C 54 -3.01 9.01 2.15
C ALA C 54 -2.15 8.08 1.32
N LEU C 55 -2.74 7.47 0.27
CA LEU C 55 -1.96 6.61 -0.60
C LEU C 55 -0.88 7.37 -1.33
N HIS C 56 -1.14 8.63 -1.69
CA HIS C 56 -0.14 9.46 -2.33
C HIS C 56 1.03 9.71 -1.39
N VAL C 57 0.73 10.01 -0.13
CA VAL C 57 1.76 10.28 0.86
C VAL C 57 2.51 9.01 1.22
N TYR C 58 1.83 7.87 1.25
CA TYR C 58 2.46 6.64 1.73
C TYR C 58 3.20 5.89 0.64
N GLN C 59 2.78 5.99 -0.62
CA GLN C 59 3.56 5.38 -1.69
C GLN C 59 4.86 6.13 -1.93
N HIS C 60 4.89 7.43 -1.63
CA HIS C 60 6.13 8.19 -1.80
C HIS C 60 7.22 7.65 -0.90
N GLY C 61 6.90 7.39 0.37
CA GLY C 61 7.89 6.81 1.27
C GLY C 61 8.17 5.36 0.98
N LEU C 62 7.19 4.63 0.44
CA LEU C 62 7.36 3.22 0.15
C LEU C 62 8.35 3.01 -1.00
N THR C 63 8.13 3.70 -2.14
CA THR C 63 9.05 3.54 -3.26
C THR C 63 10.45 4.01 -2.90
N GLY C 64 10.55 4.98 -1.98
CA GLY C 64 11.86 5.40 -1.51
C GLY C 64 12.54 4.31 -0.73
N PHE C 65 11.84 3.71 0.24
CA PHE C 65 12.43 2.65 1.05
C PHE C 65 12.76 1.42 0.21
N LEU C 66 11.87 1.04 -0.71
CA LEU C 66 12.17 -0.08 -1.60
C LEU C 66 13.40 0.20 -2.45
N GLY C 67 13.54 1.44 -2.91
CA GLY C 67 14.73 1.80 -3.66
C GLY C 67 15.99 1.65 -2.83
N GLN C 68 15.94 2.07 -1.56
CA GLN C 68 17.10 1.94 -0.68
C GLN C 68 17.44 0.48 -0.43
N VAL C 69 16.42 -0.36 -0.22
CA VAL C 69 16.66 -1.77 0.07
C VAL C 69 17.28 -2.47 -1.13
N THR C 70 16.73 -2.24 -2.32
CA THR C 70 17.22 -2.93 -3.51
C THR C 70 18.64 -2.48 -3.84
N ARG C 71 18.88 -1.16 -3.81
CA ARG C 71 20.20 -0.63 -4.12
C ARG C 71 21.24 -1.16 -3.15
N PHE C 72 20.87 -1.33 -1.88
CA PHE C 72 21.81 -1.87 -0.91
C PHE C 72 22.19 -3.30 -1.25
N VAL C 73 21.19 -4.14 -1.56
CA VAL C 73 21.45 -5.56 -1.78
C VAL C 73 22.31 -5.77 -3.02
N VAL C 74 22.04 -5.03 -4.10
CA VAL C 74 22.84 -5.18 -5.31
C VAL C 74 24.22 -4.55 -5.14
N ASP C 75 24.33 -3.51 -4.29
CA ASP C 75 25.66 -2.93 -4.01
C ASP C 75 26.55 -3.94 -3.30
N PHE C 76 26.00 -4.68 -2.34
CA PHE C 76 26.75 -5.74 -1.69
C PHE C 76 27.10 -6.85 -2.68
N MET C 77 26.19 -7.14 -3.61
CA MET C 77 26.46 -8.08 -4.67
C MET C 77 27.42 -7.52 -5.73
N LEU C 78 27.66 -6.21 -5.71
CA LEU C 78 28.56 -5.58 -6.68
C LEU C 78 30.02 -5.68 -6.23
N HIS C 79 30.29 -5.42 -4.95
CA HIS C 79 31.65 -5.52 -4.46
C HIS C 79 32.08 -6.98 -4.29
N HIS C 80 31.14 -7.86 -3.98
CA HIS C 80 31.45 -9.27 -3.82
C HIS C 80 31.20 -10.03 -5.12
N ALA D 3 -42.61 12.04 -23.28
CA ALA D 3 -41.74 11.16 -22.49
C ALA D 3 -41.40 11.79 -21.14
N ASP D 4 -41.85 11.14 -20.06
CA ASP D 4 -41.56 11.60 -18.71
C ASP D 4 -40.11 11.35 -18.32
N PRO D 5 -39.47 10.23 -18.70
CA PRO D 5 -38.03 10.12 -18.46
C PRO D 5 -37.22 11.19 -19.18
N LYS D 6 -37.73 11.71 -20.30
CA LYS D 6 -37.07 12.82 -20.97
C LYS D 6 -37.04 14.07 -20.08
N LYS D 7 -38.02 14.21 -19.20
CA LYS D 7 -38.01 15.33 -18.26
C LYS D 7 -36.92 15.15 -17.20
N VAL D 8 -36.72 13.93 -16.70
CA VAL D 8 -35.70 13.68 -15.70
C VAL D 8 -34.31 13.91 -16.26
N LEU D 9 -34.08 13.51 -17.52
CA LEU D 9 -32.78 13.70 -18.14
C LEU D 9 -32.50 15.18 -18.38
N ASP D 10 -33.53 15.95 -18.75
CA ASP D 10 -33.35 17.38 -18.96
C ASP D 10 -33.08 18.11 -17.65
N GLN D 11 -33.70 17.67 -16.56
CA GLN D 11 -33.45 18.27 -15.26
C GLN D 11 -32.03 17.99 -14.78
N ALA D 12 -31.56 16.76 -14.99
CA ALA D 12 -30.20 16.41 -14.59
C ALA D 12 -29.18 17.11 -15.48
N LYS D 13 -29.47 17.21 -16.78
CA LYS D 13 -28.58 17.91 -17.70
C LYS D 13 -28.48 19.39 -17.35
N ASP D 14 -29.62 20.02 -17.04
CA ASP D 14 -29.60 21.43 -16.65
C ASP D 14 -28.87 21.62 -15.32
N GLN D 15 -29.10 20.73 -14.37
CA GLN D 15 -28.45 20.86 -13.08
C GLN D 15 -26.94 20.68 -13.19
N MET D 16 -26.50 19.74 -14.02
CA MET D 16 -25.06 19.52 -14.21
C MET D 16 -24.39 20.71 -14.88
N GLU D 17 -25.11 21.46 -15.71
CA GLU D 17 -24.51 22.64 -16.31
C GLU D 17 -24.40 23.80 -15.35
N ASN D 18 -25.34 23.90 -14.39
CA ASN D 18 -25.18 24.90 -13.34
C ASN D 18 -23.96 24.62 -12.49
N VAL D 19 -23.73 23.34 -12.16
CA VAL D 19 -22.57 22.95 -11.36
C VAL D 19 -21.27 23.34 -12.06
N VAL D 20 -21.15 23.01 -13.36
CA VAL D 20 -19.90 23.27 -14.06
C VAL D 20 -19.68 24.76 -14.28
N ARG D 21 -20.74 25.56 -14.40
CA ARG D 21 -20.56 27.01 -14.47
C ARG D 21 -20.22 27.60 -13.11
N THR D 22 -20.81 27.07 -12.04
CA THR D 22 -20.39 27.49 -10.71
C THR D 22 -18.90 27.22 -10.51
N LEU D 23 -18.41 26.08 -11.00
CA LEU D 23 -16.99 25.81 -10.93
C LEU D 23 -16.18 26.79 -11.78
N LYS D 24 -16.62 27.03 -13.02
CA LYS D 24 -15.87 27.96 -13.88
C LYS D 24 -15.85 29.37 -13.29
N GLN D 25 -16.99 29.84 -12.75
CA GLN D 25 -17.03 31.20 -12.22
C GLN D 25 -16.16 31.35 -10.99
N GLU D 26 -16.04 30.30 -10.17
CA GLU D 26 -15.15 30.35 -9.03
C GLU D 26 -13.68 30.22 -9.46
N LEU D 27 -13.40 29.42 -10.49
CA LEU D 27 -12.04 29.31 -10.99
C LEU D 27 -11.56 30.61 -11.64
N GLU D 28 -12.47 31.38 -12.26
CA GLU D 28 -12.09 32.69 -12.75
C GLU D 28 -11.74 33.63 -11.60
N GLU D 29 -12.53 33.58 -10.53
CA GLU D 29 -12.24 34.41 -9.36
C GLU D 29 -10.91 34.03 -8.73
N LEU D 30 -10.57 32.73 -8.73
CA LEU D 30 -9.27 32.31 -8.23
C LEU D 30 -8.15 32.76 -9.16
N ALA D 31 -8.41 32.75 -10.47
CA ALA D 31 -7.42 33.25 -11.42
C ALA D 31 -7.24 34.76 -11.27
N LYS D 32 -8.29 35.46 -10.87
CA LYS D 32 -8.20 36.89 -10.58
C LYS D 32 -7.19 37.15 -9.48
N GLU D 33 -7.23 36.35 -8.42
CA GLU D 33 -6.29 36.47 -7.32
C GLU D 33 -4.94 35.85 -7.65
N ALA D 34 -4.86 35.02 -8.70
CA ALA D 34 -3.59 34.39 -9.07
C ALA D 34 -2.70 35.29 -9.93
N ARG D 35 -3.26 36.34 -10.51
CA ARG D 35 -2.48 37.31 -11.26
C ARG D 35 -1.86 38.38 -10.38
N LYS D 36 -2.00 38.24 -9.07
CA LYS D 36 -1.42 39.20 -8.14
C LYS D 36 0.10 39.26 -8.26
N LEU D 37 0.63 40.48 -8.27
CA LEU D 37 2.06 40.70 -8.30
C LEU D 37 2.65 40.46 -6.92
N ASP D 38 3.87 39.94 -6.88
CA ASP D 38 4.55 39.60 -5.63
C ASP D 38 3.70 38.64 -4.80
N LEU D 39 3.26 37.56 -5.44
CA LEU D 39 2.47 36.54 -4.77
C LEU D 39 3.38 35.61 -3.98
N THR D 40 3.10 35.47 -2.68
CA THR D 40 3.89 34.61 -1.82
C THR D 40 3.66 33.14 -2.16
N GLN D 41 4.62 32.29 -1.79
CA GLN D 41 4.41 30.86 -1.92
C GLN D 41 3.28 30.39 -1.02
N SER D 42 3.08 31.05 0.13
CA SER D 42 1.95 30.70 0.99
C SER D 42 0.63 31.05 0.32
N GLU D 43 0.54 32.24 -0.27
CA GLU D 43 -0.68 32.63 -0.97
C GLU D 43 -0.91 31.78 -2.22
N LYS D 44 0.16 31.34 -2.88
CA LYS D 44 -0.01 30.42 -4.01
C LYS D 44 -0.53 29.06 -3.54
N ILE D 45 -0.13 28.61 -2.35
CA ILE D 45 -0.63 27.36 -1.83
C ILE D 45 -2.12 27.48 -1.49
N GLU D 46 -2.52 28.63 -0.93
CA GLU D 46 -3.93 28.86 -0.62
C GLU D 46 -4.79 28.89 -1.87
N LEU D 47 -4.23 29.32 -3.01
CA LEU D 47 -4.97 29.25 -4.27
C LEU D 47 -5.13 27.81 -4.71
N LYS D 48 -4.13 26.97 -4.47
CA LYS D 48 -4.26 25.56 -4.83
C LYS D 48 -5.31 24.88 -3.96
N LEU D 49 -5.32 25.17 -2.65
CA LEU D 49 -6.30 24.56 -1.75
C LEU D 49 -7.72 25.01 -2.09
N ARG D 50 -7.91 26.28 -2.42
CA ARG D 50 -9.23 26.77 -2.80
C ARG D 50 -9.68 26.15 -4.13
N TYR D 51 -8.73 25.83 -5.01
CA TYR D 51 -9.07 25.12 -6.24
C TYR D 51 -9.59 23.72 -5.93
N ILE D 52 -8.94 23.02 -5.01
CA ILE D 52 -9.36 21.66 -4.67
C ILE D 52 -10.74 21.67 -4.03
N VAL D 53 -11.02 22.67 -3.18
CA VAL D 53 -12.35 22.78 -2.58
C VAL D 53 -13.40 22.91 -3.67
N ALA D 54 -13.15 23.78 -4.65
CA ALA D 54 -14.13 24.00 -5.71
C ALA D 54 -14.24 22.79 -6.62
N HIS D 55 -13.12 22.12 -6.91
CA HIS D 55 -13.15 20.96 -7.80
C HIS D 55 -13.87 19.79 -7.13
N LEU D 56 -13.71 19.62 -5.82
CA LEU D 56 -14.42 18.55 -5.12
C LEU D 56 -15.92 18.83 -5.07
N ALA D 57 -16.30 20.09 -4.83
CA ALA D 57 -17.71 20.44 -4.84
C ALA D 57 -18.35 20.16 -6.20
N ALA D 58 -17.61 20.42 -7.29
CA ALA D 58 -18.13 20.12 -8.62
C ALA D 58 -18.30 18.63 -8.83
N ILE D 59 -17.37 17.83 -8.29
CA ILE D 59 -17.51 16.39 -8.40
C ILE D 59 -18.71 15.91 -7.59
N GLY D 60 -18.78 16.31 -6.32
CA GLY D 60 -19.82 15.80 -5.44
C GLY D 60 -21.22 16.28 -5.81
N ASP D 61 -21.33 17.51 -6.31
CA ASP D 61 -22.65 18.02 -6.67
C ASP D 61 -23.13 17.41 -7.99
N ILE D 62 -22.21 17.04 -8.88
CA ILE D 62 -22.60 16.30 -10.07
C ILE D 62 -22.98 14.87 -9.70
N GLU D 63 -22.23 14.26 -8.78
CA GLU D 63 -22.60 12.96 -8.24
C GLU D 63 -23.89 13.04 -7.43
N GLU D 64 -24.28 14.23 -6.99
CA GLU D 64 -25.57 14.42 -6.33
C GLU D 64 -26.71 14.48 -7.34
N ALA D 65 -26.49 15.15 -8.48
CA ALA D 65 -27.51 15.21 -9.52
C ALA D 65 -27.76 13.84 -10.11
N ILE D 66 -26.71 13.02 -10.24
CA ILE D 66 -26.86 11.66 -10.74
C ILE D 66 -27.72 10.84 -9.78
N ARG D 67 -27.49 10.97 -8.48
CA ARG D 67 -28.23 10.15 -7.52
C ARG D 67 -29.71 10.46 -7.56
N GLU D 68 -30.07 11.76 -7.57
CA GLU D 68 -31.48 12.14 -7.58
C GLU D 68 -32.15 11.74 -8.90
N ALA D 69 -31.43 11.84 -10.02
CA ALA D 69 -32.00 11.41 -11.29
C ALA D 69 -32.28 9.91 -11.29
N LYS D 70 -31.40 9.13 -10.67
CA LYS D 70 -31.62 7.69 -10.59
C LYS D 70 -32.79 7.36 -9.67
N GLU D 71 -33.04 8.17 -8.63
CA GLU D 71 -34.16 7.90 -7.74
C GLU D 71 -35.49 8.22 -8.41
N GLU D 72 -35.54 9.26 -9.24
CA GLU D 72 -36.75 9.54 -9.99
C GLU D 72 -37.04 8.47 -11.02
N ALA D 73 -36.01 7.81 -11.54
CA ALA D 73 -36.25 6.68 -12.45
C ALA D 73 -36.63 5.42 -11.69
N ASP D 74 -36.08 5.23 -10.48
CA ASP D 74 -36.51 4.11 -9.65
C ASP D 74 -37.99 4.25 -9.28
N LYS D 75 -38.45 5.48 -9.07
CA LYS D 75 -39.87 5.71 -8.83
C LYS D 75 -40.70 5.33 -10.05
N LEU D 76 -40.27 5.78 -11.23
CA LEU D 76 -41.04 5.51 -12.45
C LEU D 76 -41.11 4.03 -12.76
N LYS D 77 -40.01 3.30 -12.55
CA LYS D 77 -40.02 1.87 -12.88
C LYS D 77 -40.94 1.09 -11.96
N ARG D 78 -40.91 1.38 -10.65
CA ARG D 78 -41.75 0.65 -9.70
C ARG D 78 -43.23 0.90 -9.96
N ALA D 79 -43.59 2.13 -10.36
CA ALA D 79 -44.97 2.41 -10.70
C ALA D 79 -45.40 1.67 -11.97
N GLY D 80 -44.49 1.56 -12.93
CA GLY D 80 -44.78 0.90 -14.19
C GLY D 80 -44.86 1.80 -15.39
N LEU D 81 -44.43 3.06 -15.28
CA LEU D 81 -44.46 3.97 -16.41
C LEU D 81 -43.40 3.63 -17.44
N VAL D 82 -42.32 2.94 -17.04
CA VAL D 82 -41.27 2.51 -17.95
C VAL D 82 -41.11 1.00 -17.80
N ASN D 83 -40.88 0.33 -18.93
CA ASN D 83 -40.59 -1.10 -18.92
C ASN D 83 -39.09 -1.30 -18.81
N SER D 84 -38.66 -2.55 -18.89
CA SER D 84 -37.24 -2.86 -18.74
C SER D 84 -36.40 -2.21 -19.83
N GLN D 85 -36.91 -2.17 -21.07
CA GLN D 85 -36.15 -1.59 -22.18
C GLN D 85 -36.03 -0.08 -22.04
N GLN D 86 -37.13 0.58 -21.66
CA GLN D 86 -37.08 2.03 -21.48
C GLN D 86 -36.25 2.42 -20.26
N PHE D 87 -36.25 1.60 -19.22
CA PHE D 87 -35.47 1.91 -18.03
C PHE D 87 -33.97 1.83 -18.31
N ASP D 88 -33.54 0.77 -18.99
CA ASP D 88 -32.11 0.60 -19.28
C ASP D 88 -31.62 1.61 -20.32
N GLU D 89 -32.51 2.09 -21.18
CA GLU D 89 -32.16 3.19 -22.08
C GLU D 89 -31.90 4.48 -21.31
N PHE D 90 -32.65 4.70 -20.22
CA PHE D 90 -32.48 5.90 -19.42
C PHE D 90 -31.07 5.99 -18.83
N LYS D 91 -30.63 4.93 -18.16
CA LYS D 91 -29.33 4.97 -17.50
C LYS D 91 -28.18 5.08 -18.50
N ARG D 92 -28.38 4.61 -19.74
CA ARG D 92 -27.33 4.80 -20.75
C ARG D 92 -27.24 6.25 -21.17
N ARG D 93 -28.38 6.91 -21.40
CA ARG D 93 -28.36 8.33 -21.71
C ARG D 93 -28.05 9.18 -20.48
N LEU D 94 -28.32 8.68 -19.28
CA LEU D 94 -27.85 9.37 -18.08
C LEU D 94 -26.35 9.27 -17.93
N GLU D 95 -25.76 8.17 -18.43
CA GLU D 95 -24.32 8.01 -18.36
C GLU D 95 -23.60 8.88 -19.37
N GLU D 96 -24.21 9.13 -20.54
CA GLU D 96 -23.59 10.02 -21.52
C GLU D 96 -23.63 11.46 -21.04
N LEU D 97 -24.75 11.88 -20.43
CA LEU D 97 -24.82 13.20 -19.81
C LEU D 97 -23.76 13.34 -18.71
N HIS D 98 -23.51 12.27 -17.97
CA HIS D 98 -22.50 12.28 -16.92
C HIS D 98 -21.09 12.36 -17.51
N LYS D 99 -20.82 11.59 -18.57
CA LYS D 99 -19.51 11.64 -19.22
C LYS D 99 -19.23 13.01 -19.81
N GLU D 100 -20.27 13.73 -20.24
CA GLU D 100 -20.08 15.07 -20.78
C GLU D 100 -19.82 16.08 -19.67
N ALA D 101 -20.55 15.97 -18.55
CA ALA D 101 -20.29 16.86 -17.42
C ALA D 101 -18.91 16.63 -16.84
N ASP D 102 -18.44 15.38 -16.85
CA ASP D 102 -17.09 15.07 -16.38
C ASP D 102 -16.03 15.68 -17.28
N ARG D 103 -16.27 15.69 -18.59
CA ARG D 103 -15.30 16.24 -19.53
C ARG D 103 -15.18 17.75 -19.36
N LYS D 104 -16.31 18.45 -19.20
CA LYS D 104 -16.27 19.90 -19.03
C LYS D 104 -15.69 20.30 -17.68
N ARG D 105 -16.03 19.56 -16.63
CA ARG D 105 -15.46 19.84 -15.31
C ARG D 105 -13.95 19.66 -15.32
N ALA D 106 -13.47 18.53 -15.88
CA ALA D 106 -12.03 18.27 -15.89
C ALA D 106 -11.29 19.24 -16.79
N ASP D 107 -11.88 19.62 -17.93
CA ASP D 107 -11.21 20.54 -18.85
C ASP D 107 -11.11 21.94 -18.26
N TYR D 108 -12.13 22.37 -17.50
CA TYR D 108 -12.07 23.68 -16.88
C TYR D 108 -10.97 23.76 -15.82
N ALA D 109 -10.86 22.72 -14.99
CA ALA D 109 -9.81 22.71 -13.97
C ALA D 109 -8.42 22.58 -14.57
N GLU D 110 -8.30 21.83 -15.67
CA GLU D 110 -6.99 21.60 -16.26
C GLU D 110 -6.36 22.90 -16.78
N GLU D 111 -7.15 23.73 -17.45
CA GLU D 111 -6.61 25.00 -17.94
C GLU D 111 -6.33 25.97 -16.82
N PHE D 112 -7.12 25.92 -15.74
CA PHE D 112 -6.80 26.73 -14.57
C PHE D 112 -5.48 26.28 -13.94
N ARG D 113 -5.30 24.97 -13.80
CA ARG D 113 -4.04 24.44 -13.30
C ARG D 113 -2.87 24.89 -14.17
N ASN D 114 -3.08 25.02 -15.48
CA ASN D 114 -2.00 25.49 -16.34
C ASN D 114 -1.65 26.96 -16.08
N LYS D 115 -2.63 27.75 -15.63
CA LYS D 115 -2.37 29.17 -15.34
C LYS D 115 -1.51 29.34 -14.08
N ASN E 1 17.80 8.71 -4.35
CA ASN E 1 17.60 8.63 -5.79
C ASN E 1 16.13 8.52 -6.16
N ARG E 2 15.56 9.64 -6.59
CA ARG E 2 14.14 9.76 -6.90
C ARG E 2 13.91 10.21 -8.33
N ARG E 3 14.97 10.35 -9.11
CA ARG E 3 14.91 11.02 -10.42
C ARG E 3 14.06 10.28 -11.45
N TYR E 4 13.84 8.97 -11.30
CA TYR E 4 13.16 8.19 -12.33
C TYR E 4 11.71 7.91 -12.02
N ASP E 5 11.17 8.47 -10.95
CA ASP E 5 9.81 8.12 -10.54
C ASP E 5 8.79 8.59 -11.57
N SER E 6 8.97 9.79 -12.11
CA SER E 6 8.02 10.27 -13.12
C SER E 6 8.07 9.38 -14.36
N GLU E 7 9.27 8.95 -14.77
CA GLU E 7 9.37 8.09 -15.95
C GLU E 7 8.79 6.72 -15.69
N PHE E 8 9.08 6.14 -14.52
CA PHE E 8 8.48 4.85 -14.15
C PHE E 8 6.97 4.94 -14.20
N GLN E 9 6.40 6.05 -13.73
CA GLN E 9 4.95 6.19 -13.69
C GLN E 9 4.37 6.29 -15.09
N THR E 10 4.99 7.07 -15.97
CA THR E 10 4.46 7.22 -17.32
C THR E 10 4.56 5.92 -18.10
N MET E 11 5.57 5.10 -17.82
CA MET E 11 5.66 3.80 -18.46
C MET E 11 4.50 2.92 -18.05
N LEU E 12 4.16 2.92 -16.76
CA LEU E 12 3.07 2.07 -16.27
C LEU E 12 1.73 2.55 -16.81
N GLN E 13 1.55 3.87 -16.95
CA GLN E 13 0.30 4.38 -17.48
C GLN E 13 0.15 4.12 -18.97
N HIS E 14 1.28 4.08 -19.70
CA HIS E 14 1.22 3.75 -21.13
C HIS E 14 0.93 2.28 -21.34
N LEU E 15 1.51 1.42 -20.50
CA LEU E 15 1.32 -0.01 -20.64
C LEU E 15 -0.10 -0.43 -20.27
N GLN E 16 -0.72 0.25 -19.32
CA GLN E 16 -2.03 -0.11 -18.79
C GLN E 16 -2.09 -1.58 -18.38
N PRO E 17 -1.27 -2.02 -17.43
CA PRO E 17 -1.31 -3.42 -17.01
C PRO E 17 -2.41 -3.65 -15.98
N THR E 18 -2.79 -4.91 -15.84
CA THR E 18 -3.77 -5.33 -14.86
C THR E 18 -3.13 -6.33 -13.90
N ALA E 19 -3.89 -6.71 -12.88
CA ALA E 19 -3.41 -7.72 -11.94
C ALA E 19 -3.19 -9.06 -12.63
N GLU E 20 -3.93 -9.32 -13.71
CA GLU E 20 -3.85 -10.62 -14.39
C GLU E 20 -2.65 -10.70 -15.32
N ASN E 21 -2.34 -9.64 -16.06
CA ASN E 21 -1.29 -9.69 -17.08
C ASN E 21 0.02 -9.02 -16.65
N ALA E 22 0.12 -8.52 -15.42
CA ALA E 22 1.32 -7.79 -15.02
C ALA E 22 2.55 -8.69 -15.02
N TYR E 23 2.42 -9.91 -14.48
CA TYR E 23 3.59 -10.79 -14.38
C TYR E 23 4.05 -11.26 -15.76
N GLU E 24 3.12 -11.55 -16.68
CA GLU E 24 3.53 -11.89 -18.04
C GLU E 24 4.27 -10.74 -18.69
N TYR E 25 3.71 -9.52 -18.60
CA TYR E 25 4.38 -8.35 -19.16
C TYR E 25 5.74 -8.15 -18.54
N PHE E 26 5.87 -8.38 -17.23
CA PHE E 26 7.15 -8.15 -16.56
C PHE E 26 8.22 -9.16 -17.01
N THR E 27 7.85 -10.45 -17.10
CA THR E 27 8.84 -11.46 -17.48
C THR E 27 9.32 -11.26 -18.92
N LYS E 28 8.43 -10.81 -19.80
CA LYS E 28 8.86 -10.50 -21.16
C LYS E 28 9.80 -9.30 -21.18
N ILE E 29 9.49 -8.25 -20.43
CA ILE E 29 10.37 -7.11 -20.33
C ILE E 29 11.73 -7.52 -19.75
N ALA E 30 11.70 -8.25 -18.62
CA ALA E 30 12.94 -8.64 -17.95
C ALA E 30 13.82 -9.49 -18.85
N THR E 31 13.21 -10.41 -19.59
CA THR E 31 14.01 -11.31 -20.43
C THR E 31 14.66 -10.55 -21.58
N SER E 32 13.88 -9.74 -22.31
CA SER E 32 14.47 -8.98 -23.42
C SER E 32 15.59 -8.07 -22.94
N LEU E 33 15.44 -7.50 -21.74
CA LEU E 33 16.44 -6.59 -21.22
C LEU E 33 17.75 -7.32 -20.92
N PHE E 34 17.68 -8.42 -20.17
CA PHE E 34 18.90 -9.13 -19.80
C PHE E 34 19.54 -9.83 -20.99
N GLU E 35 18.74 -10.19 -22.00
CA GLU E 35 19.30 -10.78 -23.22
C GLU E 35 20.15 -9.76 -23.97
N SER E 36 19.84 -8.47 -23.86
CA SER E 36 20.69 -7.46 -24.46
C SER E 36 21.84 -7.04 -23.57
N GLY E 37 21.87 -7.51 -22.31
CA GLY E 37 22.95 -7.19 -21.39
C GLY E 37 22.50 -7.05 -19.94
N ILE E 38 23.33 -7.52 -19.01
CA ILE E 38 23.05 -7.43 -17.58
C ILE E 38 24.18 -6.62 -16.93
N ASN E 39 23.81 -5.62 -16.14
CA ASN E 39 24.77 -4.89 -15.33
C ASN E 39 24.04 -4.36 -14.10
N TRP E 40 24.81 -3.73 -13.20
CA TRP E 40 24.26 -3.24 -11.94
C TRP E 40 23.10 -2.27 -12.19
N GLY E 41 23.28 -1.32 -13.10
CA GLY E 41 22.25 -0.31 -13.31
C GLY E 41 20.97 -0.88 -13.88
N ARG E 42 21.09 -1.89 -14.75
CA ARG E 42 19.92 -2.50 -15.35
C ARG E 42 19.16 -3.37 -14.35
N VAL E 43 19.86 -4.04 -13.43
CA VAL E 43 19.18 -4.83 -12.41
C VAL E 43 18.43 -3.90 -11.44
N VAL E 44 19.03 -2.75 -11.10
CA VAL E 44 18.36 -1.80 -10.22
C VAL E 44 17.12 -1.24 -10.92
N ALA E 45 17.25 -0.87 -12.19
CA ALA E 45 16.09 -0.33 -12.92
C ALA E 45 15.01 -1.38 -13.08
N LEU E 46 15.39 -2.64 -13.33
CA LEU E 46 14.39 -3.68 -13.50
C LEU E 46 13.64 -3.95 -12.20
N LEU E 47 14.37 -4.11 -11.10
CA LEU E 47 13.70 -4.30 -9.80
C LEU E 47 12.87 -3.07 -9.44
N GLY E 48 13.37 -1.87 -9.74
CA GLY E 48 12.59 -0.67 -9.51
C GLY E 48 11.30 -0.65 -10.30
N PHE E 49 11.36 -1.04 -11.58
CA PHE E 49 10.15 -1.17 -12.38
C PHE E 49 9.23 -2.25 -11.83
N GLY E 50 9.81 -3.38 -11.41
CA GLY E 50 9.01 -4.50 -10.97
C GLY E 50 8.12 -4.14 -9.79
N TYR E 51 8.69 -3.52 -8.75
CA TYR E 51 7.89 -3.25 -7.56
C TYR E 51 7.02 -2.01 -7.69
N ARG E 52 7.34 -1.11 -8.62
CA ARG E 52 6.41 -0.03 -8.95
C ARG E 52 5.28 -0.55 -9.83
N LEU E 53 5.55 -1.57 -10.65
CA LEU E 53 4.46 -2.26 -11.35
C LEU E 53 3.55 -2.95 -10.35
N ALA E 54 4.12 -3.54 -9.29
CA ALA E 54 3.32 -4.18 -8.26
C ALA E 54 2.44 -3.18 -7.53
N LEU E 55 2.98 -2.01 -7.19
CA LEU E 55 2.19 -0.97 -6.56
C LEU E 55 1.09 -0.46 -7.49
N HIS E 56 1.37 -0.42 -8.80
CA HIS E 56 0.39 0.06 -9.77
C HIS E 56 -0.84 -0.85 -9.81
N VAL E 57 -0.62 -2.17 -9.87
CA VAL E 57 -1.76 -3.10 -9.90
C VAL E 57 -2.46 -3.13 -8.55
N TYR E 58 -1.73 -2.96 -7.45
CA TYR E 58 -2.33 -3.14 -6.13
C TYR E 58 -3.05 -1.89 -5.66
N GLN E 59 -2.58 -0.70 -6.06
CA GLN E 59 -3.31 0.52 -5.75
C GLN E 59 -4.60 0.63 -6.56
N HIS E 60 -4.63 0.04 -7.76
CA HIS E 60 -5.85 0.06 -8.56
C HIS E 60 -6.98 -0.68 -7.87
N GLY E 61 -6.70 -1.87 -7.34
CA GLY E 61 -7.71 -2.59 -6.60
C GLY E 61 -8.00 -1.98 -5.24
N LEU E 62 -6.99 -1.34 -4.65
CA LEU E 62 -7.16 -0.77 -3.31
C LEU E 62 -8.13 0.41 -3.33
N THR E 63 -7.91 1.39 -4.23
CA THR E 63 -8.81 2.54 -4.29
C THR E 63 -10.21 2.11 -4.68
N GLY E 64 -10.34 1.03 -5.45
CA GLY E 64 -11.65 0.54 -5.80
C GLY E 64 -12.41 0.03 -4.59
N PHE E 65 -11.75 -0.81 -3.78
CA PHE E 65 -12.42 -1.35 -2.58
C PHE E 65 -12.77 -0.24 -1.60
N LEU E 66 -11.86 0.73 -1.42
CA LEU E 66 -12.16 1.84 -0.54
C LEU E 66 -13.37 2.62 -1.04
N GLY E 67 -13.46 2.83 -2.36
CA GLY E 67 -14.63 3.50 -2.90
C GLY E 67 -15.91 2.73 -2.64
N GLN E 68 -15.85 1.39 -2.76
CA GLN E 68 -17.02 0.57 -2.47
C GLN E 68 -17.41 0.67 -1.01
N VAL E 69 -16.42 0.63 -0.11
CA VAL E 69 -16.71 0.64 1.32
C VAL E 69 -17.31 1.98 1.74
N THR E 70 -16.72 3.09 1.28
CA THR E 70 -17.22 4.40 1.68
C THR E 70 -18.60 4.64 1.10
N ARG E 71 -18.81 4.30 -0.18
CA ARG E 71 -20.13 4.49 -0.79
C ARG E 71 -21.20 3.67 -0.08
N PHE E 72 -20.85 2.46 0.39
CA PHE E 72 -21.81 1.66 1.13
C PHE E 72 -22.16 2.32 2.46
N VAL E 73 -21.14 2.77 3.19
CA VAL E 73 -21.36 3.31 4.54
C VAL E 73 -22.19 4.57 4.49
N VAL E 74 -21.92 5.46 3.54
CA VAL E 74 -22.71 6.68 3.44
C VAL E 74 -24.10 6.39 2.90
N ASP E 75 -24.25 5.34 2.10
CA ASP E 75 -25.58 4.94 1.62
C ASP E 75 -26.47 4.48 2.77
N PHE E 76 -25.90 3.70 3.69
CA PHE E 76 -26.67 3.30 4.87
C PHE E 76 -26.98 4.49 5.76
N MET E 77 -26.06 5.46 5.82
CA MET E 77 -26.28 6.72 6.53
C MET E 77 -27.23 7.65 5.79
N LEU E 78 -27.55 7.36 4.53
CA LEU E 78 -28.43 8.20 3.73
C LEU E 78 -29.91 7.89 4.00
N HIS E 79 -30.25 6.61 4.07
CA HIS E 79 -31.62 6.17 4.33
C HIS E 79 -32.02 6.37 5.78
N HIS E 80 -31.06 6.38 6.70
CA HIS E 80 -31.35 6.62 8.12
C HIS E 80 -31.29 8.12 8.42
N ALA F 3 42.68 19.45 -16.75
CA ALA F 3 42.18 18.90 -15.51
C ALA F 3 41.86 17.41 -15.65
N ASP F 4 42.24 16.63 -14.64
CA ASP F 4 41.96 15.19 -14.61
C ASP F 4 40.49 14.91 -14.30
N PRO F 5 39.83 15.64 -13.39
CA PRO F 5 38.38 15.46 -13.26
C PRO F 5 37.62 15.81 -14.51
N LYS F 6 38.14 16.75 -15.32
CA LYS F 6 37.50 17.05 -16.59
C LYS F 6 37.51 15.85 -17.52
N LYS F 7 38.52 14.99 -17.41
CA LYS F 7 38.56 13.76 -18.20
C LYS F 7 37.51 12.77 -17.71
N VAL F 8 37.34 12.65 -16.38
CA VAL F 8 36.32 11.77 -15.85
C VAL F 8 34.93 12.29 -16.20
N LEU F 9 34.76 13.62 -16.18
CA LEU F 9 33.47 14.22 -16.54
C LEU F 9 33.19 14.08 -18.03
N ASP F 10 34.22 14.21 -18.87
CA ASP F 10 34.03 14.05 -20.31
C ASP F 10 33.71 12.61 -20.69
N GLN F 11 34.31 11.65 -20.00
CA GLN F 11 33.97 10.25 -20.27
C GLN F 11 32.52 9.95 -19.91
N ALA F 12 32.04 10.51 -18.80
CA ALA F 12 30.66 10.28 -18.39
C ALA F 12 29.70 10.99 -19.34
N LYS F 13 30.04 12.21 -19.77
CA LYS F 13 29.19 12.91 -20.73
C LYS F 13 29.12 12.18 -22.05
N ASP F 14 30.27 11.73 -22.55
CA ASP F 14 30.31 10.98 -23.81
C ASP F 14 29.57 9.65 -23.69
N GLN F 15 29.73 8.97 -22.56
CA GLN F 15 29.07 7.67 -22.38
C GLN F 15 27.55 7.84 -22.30
N MET F 16 27.07 8.87 -21.60
CA MET F 16 25.63 9.10 -21.53
C MET F 16 25.07 9.51 -22.89
N GLU F 17 25.90 10.08 -23.77
CA GLU F 17 25.40 10.44 -25.09
C GLU F 17 25.21 9.22 -25.98
N ASN F 18 26.05 8.20 -25.83
CA ASN F 18 25.82 6.96 -26.55
C ASN F 18 24.53 6.29 -26.11
N VAL F 19 24.27 6.26 -24.80
CA VAL F 19 23.07 5.61 -24.27
C VAL F 19 21.81 6.26 -24.83
N VAL F 20 21.74 7.59 -24.80
CA VAL F 20 20.55 8.28 -25.27
C VAL F 20 20.44 8.19 -26.80
N ARG F 21 21.58 8.04 -27.49
CA ARG F 21 21.54 7.83 -28.93
C ARG F 21 21.07 6.43 -29.27
N THR F 22 21.50 5.44 -28.48
CA THR F 22 20.98 4.09 -28.64
C THR F 22 19.48 4.05 -28.44
N LEU F 23 18.99 4.76 -27.42
CA LEU F 23 17.55 4.85 -27.20
C LEU F 23 16.86 5.57 -28.35
N LYS F 24 17.46 6.67 -28.82
CA LYS F 24 16.85 7.44 -29.89
C LYS F 24 16.70 6.59 -31.15
N GLN F 25 17.74 5.83 -31.50
CA GLN F 25 17.70 5.03 -32.73
C GLN F 25 16.70 3.88 -32.60
N GLU F 26 16.57 3.30 -31.41
CA GLU F 26 15.60 2.23 -31.22
C GLU F 26 14.17 2.77 -31.19
N LEU F 27 13.97 3.95 -30.60
CA LEU F 27 12.62 4.53 -30.59
C LEU F 27 12.19 4.94 -31.99
N GLU F 28 13.14 5.34 -32.84
CA GLU F 28 12.83 5.59 -34.23
C GLU F 28 12.44 4.31 -34.96
N GLU F 29 13.14 3.21 -34.67
CA GLU F 29 12.80 1.94 -35.29
C GLU F 29 11.43 1.45 -34.85
N LEU F 30 11.09 1.66 -33.57
CA LEU F 30 9.77 1.29 -33.08
C LEU F 30 8.68 2.21 -33.62
N ALA F 31 8.98 3.50 -33.78
CA ALA F 31 7.99 4.43 -34.33
C ALA F 31 7.70 4.15 -35.80
N LYS F 32 8.70 3.69 -36.55
CA LYS F 32 8.47 3.32 -37.94
C LYS F 32 7.46 2.19 -38.04
N GLU F 33 7.59 1.19 -37.17
CA GLU F 33 6.66 0.06 -37.19
C GLU F 33 5.29 0.42 -36.61
N ALA F 34 5.20 1.52 -35.86
CA ALA F 34 3.94 1.96 -35.27
C ALA F 34 3.09 2.80 -36.21
N ARG F 35 3.63 3.31 -37.32
CA ARG F 35 2.83 4.13 -38.22
C ARG F 35 1.95 3.32 -39.16
N LYS F 36 1.95 1.99 -39.05
CA LYS F 36 1.03 1.17 -39.83
C LYS F 36 -0.40 1.44 -39.40
N LEU F 37 -1.32 1.51 -40.37
CA LEU F 37 -2.71 1.84 -40.07
C LEU F 37 -3.46 0.69 -39.44
N ASP F 38 -4.30 1.02 -38.45
CA ASP F 38 -5.18 0.08 -37.77
C ASP F 38 -4.42 -1.17 -37.29
N LEU F 39 -3.36 -0.94 -36.54
CA LEU F 39 -2.58 -2.03 -35.98
C LEU F 39 -3.33 -2.60 -34.79
N THR F 40 -3.36 -3.93 -34.69
CA THR F 40 -4.11 -4.58 -33.64
C THR F 40 -3.58 -4.18 -32.26
N GLN F 41 -4.43 -4.36 -31.26
CA GLN F 41 -4.03 -4.07 -29.88
C GLN F 41 -2.88 -4.97 -29.43
N SER F 42 -2.81 -6.20 -29.96
CA SER F 42 -1.69 -7.07 -29.64
C SER F 42 -0.39 -6.52 -30.20
N GLU F 43 -0.40 -6.08 -31.46
CA GLU F 43 0.78 -5.46 -32.04
C GLU F 43 1.14 -4.16 -31.34
N LYS F 44 0.13 -3.42 -30.86
CA LYS F 44 0.39 -2.19 -30.12
C LYS F 44 1.02 -2.49 -28.76
N ILE F 45 0.62 -3.57 -28.11
CA ILE F 45 1.20 -3.94 -26.83
C ILE F 45 2.64 -4.43 -27.01
N GLU F 46 2.90 -5.23 -28.04
CA GLU F 46 4.26 -5.69 -28.27
C GLU F 46 5.18 -4.53 -28.60
N LEU F 47 4.66 -3.47 -29.22
CA LEU F 47 5.47 -2.27 -29.39
C LEU F 47 5.69 -1.55 -28.07
N LYS F 48 4.66 -1.55 -27.20
CA LYS F 48 4.82 -0.92 -25.89
C LYS F 48 5.83 -1.68 -25.03
N LEU F 49 5.80 -3.00 -25.07
CA LEU F 49 6.77 -3.78 -24.29
C LEU F 49 8.18 -3.56 -24.80
N ARG F 50 8.36 -3.49 -26.12
CA ARG F 50 9.69 -3.23 -26.67
C ARG F 50 10.18 -1.84 -26.31
N TYR F 51 9.27 -0.87 -26.15
CA TYR F 51 9.63 0.47 -25.72
C TYR F 51 10.12 0.49 -24.27
N ILE F 52 9.42 -0.22 -23.38
CA ILE F 52 9.81 -0.23 -21.98
C ILE F 52 11.18 -0.89 -21.81
N VAL F 53 11.46 -1.92 -22.60
CA VAL F 53 12.79 -2.54 -22.56
C VAL F 53 13.87 -1.51 -22.87
N ALA F 54 13.65 -0.71 -23.91
CA ALA F 54 14.64 0.30 -24.29
C ALA F 54 14.73 1.42 -23.27
N HIS F 55 13.59 1.84 -22.72
CA HIS F 55 13.63 2.94 -21.76
C HIS F 55 14.32 2.53 -20.47
N LEU F 56 14.13 1.28 -20.04
CA LEU F 56 14.84 0.79 -18.85
C LEU F 56 16.32 0.64 -19.13
N ALA F 57 16.69 0.12 -20.32
CA ALA F 57 18.09 0.00 -20.69
C ALA F 57 18.78 1.36 -20.68
N ALA F 58 18.09 2.40 -21.16
CA ALA F 58 18.66 3.74 -21.12
C ALA F 58 18.80 4.25 -19.69
N ILE F 59 17.86 3.87 -18.81
CA ILE F 59 17.99 4.26 -17.42
C ILE F 59 19.17 3.55 -16.77
N GLY F 60 19.25 2.23 -16.93
CA GLY F 60 20.28 1.46 -16.23
C GLY F 60 21.68 1.72 -16.73
N ASP F 61 21.84 1.98 -18.03
CA ASP F 61 23.18 2.23 -18.56
C ASP F 61 23.66 3.63 -18.20
N ILE F 62 22.75 4.58 -18.01
CA ILE F 62 23.14 5.89 -17.48
C ILE F 62 23.53 5.77 -16.01
N GLU F 63 22.80 4.96 -15.26
CA GLU F 63 23.13 4.64 -13.89
C GLU F 63 24.44 3.88 -13.78
N GLU F 64 24.87 3.23 -14.87
CA GLU F 64 26.17 2.56 -14.90
C GLU F 64 27.29 3.57 -15.16
N ALA F 65 27.07 4.51 -16.07
CA ALA F 65 28.08 5.53 -16.37
C ALA F 65 28.28 6.47 -15.19
N ILE F 66 27.20 6.81 -14.48
CA ILE F 66 27.32 7.66 -13.30
C ILE F 66 28.14 6.95 -12.22
N ARG F 67 27.89 5.66 -12.02
CA ARG F 67 28.58 4.92 -10.97
C ARG F 67 30.08 4.84 -11.26
N GLU F 68 30.45 4.56 -12.51
CA GLU F 68 31.86 4.45 -12.86
C GLU F 68 32.56 5.79 -12.67
N ALA F 69 31.88 6.90 -13.01
CA ALA F 69 32.47 8.21 -12.81
C ALA F 69 32.70 8.49 -11.34
N LYS F 70 31.76 8.07 -10.49
CA LYS F 70 31.92 8.28 -9.05
C LYS F 70 33.03 7.41 -8.47
N GLU F 71 33.24 6.21 -9.02
CA GLU F 71 34.32 5.36 -8.53
C GLU F 71 35.68 5.86 -9.00
N GLU F 72 35.75 6.41 -10.22
CA GLU F 72 37.00 7.00 -10.67
C GLU F 72 37.35 8.26 -9.89
N ALA F 73 36.36 8.98 -9.38
CA ALA F 73 36.66 10.12 -8.52
C ALA F 73 37.02 9.67 -7.11
N ASP F 74 36.44 8.56 -6.65
CA ASP F 74 36.84 7.99 -5.37
C ASP F 74 38.32 7.59 -5.39
N LYS F 75 38.81 7.14 -6.55
CA LYS F 75 40.23 6.84 -6.69
C LYS F 75 41.07 8.11 -6.53
N LEU F 76 40.68 9.19 -7.21
CA LEU F 76 41.44 10.43 -7.13
C LEU F 76 41.38 11.03 -5.72
N LYS F 77 40.22 10.92 -5.06
CA LYS F 77 40.09 11.50 -3.73
C LYS F 77 40.99 10.80 -2.73
N ARG F 78 41.01 9.46 -2.75
CA ARG F 78 41.83 8.72 -1.80
C ARG F 78 43.33 8.91 -2.05
N ALA F 79 43.73 9.04 -3.32
CA ALA F 79 45.14 9.28 -3.63
C ALA F 79 45.58 10.66 -3.18
N GLY F 80 44.71 11.65 -3.31
CA GLY F 80 45.03 13.01 -2.94
C GLY F 80 45.15 14.00 -4.08
N LEU F 81 44.72 13.63 -5.30
CA LEU F 81 44.77 14.56 -6.42
C LEU F 81 43.69 15.63 -6.35
N VAL F 82 42.60 15.38 -5.62
CA VAL F 82 41.54 16.36 -5.46
C VAL F 82 41.31 16.58 -3.97
N ASN F 83 41.04 17.84 -3.60
CA ASN F 83 40.70 18.20 -2.23
C ASN F 83 39.18 18.13 -2.05
N SER F 84 38.72 18.50 -0.86
CA SER F 84 37.28 18.45 -0.56
C SER F 84 36.49 19.39 -1.46
N GLN F 85 37.03 20.58 -1.73
CA GLN F 85 36.33 21.56 -2.55
C GLN F 85 36.24 21.11 -3.99
N GLN F 86 37.35 20.60 -4.52
CA GLN F 86 37.38 20.13 -5.90
C GLN F 86 36.55 18.86 -6.07
N PHE F 87 36.52 17.99 -5.07
CA PHE F 87 35.75 16.76 -5.17
C PHE F 87 34.26 17.06 -5.17
N ASP F 88 33.81 17.94 -4.27
CA ASP F 88 32.40 18.28 -4.21
C ASP F 88 31.97 19.09 -5.41
N GLU F 89 32.89 19.83 -6.03
CA GLU F 89 32.58 20.44 -7.31
C GLU F 89 32.41 19.38 -8.40
N PHE F 90 33.18 18.30 -8.33
CA PHE F 90 33.04 17.24 -9.33
C PHE F 90 31.65 16.62 -9.27
N LYS F 91 31.22 16.19 -8.09
CA LYS F 91 29.93 15.52 -7.97
C LYS F 91 28.79 16.46 -8.31
N ARG F 92 28.98 17.77 -8.14
CA ARG F 92 27.97 18.73 -8.54
C ARG F 92 27.89 18.85 -10.06
N ARG F 93 29.05 18.89 -10.73
CA ARG F 93 29.05 18.93 -12.18
C ARG F 93 28.67 17.58 -12.77
N LEU F 94 28.92 16.49 -12.05
CA LEU F 94 28.42 15.20 -12.50
C LEU F 94 26.91 15.13 -12.38
N GLU F 95 26.34 15.85 -11.41
CA GLU F 95 24.89 15.85 -11.25
C GLU F 95 24.20 16.65 -12.34
N GLU F 96 24.84 17.71 -12.84
CA GLU F 96 24.27 18.47 -13.95
C GLU F 96 24.32 17.67 -15.25
N LEU F 97 25.42 16.97 -15.49
CA LEU F 97 25.48 16.06 -16.63
C LEU F 97 24.42 14.97 -16.54
N HIS F 98 24.15 14.49 -15.32
CA HIS F 98 23.12 13.49 -15.13
C HIS F 98 21.74 14.06 -15.41
N LYS F 99 21.46 15.27 -14.88
CA LYS F 99 20.17 15.91 -15.12
C LYS F 99 19.96 16.20 -16.61
N GLU F 100 21.04 16.42 -17.36
CA GLU F 100 20.89 16.69 -18.78
C GLU F 100 20.55 15.42 -19.54
N ALA F 101 21.21 14.32 -19.22
CA ALA F 101 20.92 13.05 -19.89
C ALA F 101 19.54 12.54 -19.56
N ASP F 102 19.06 12.77 -18.32
CA ASP F 102 17.71 12.38 -17.96
C ASP F 102 16.67 13.18 -18.73
N ARG F 103 16.95 14.46 -18.96
CA ARG F 103 16.00 15.28 -19.71
C ARG F 103 15.95 14.83 -21.17
N LYS F 104 17.10 14.48 -21.76
CA LYS F 104 17.09 14.02 -23.15
C LYS F 104 16.41 12.66 -23.28
N ARG F 105 16.65 11.76 -22.32
CA ARG F 105 16.01 10.44 -22.34
C ARG F 105 14.49 10.56 -22.19
N ALA F 106 14.04 11.37 -21.22
CA ALA F 106 12.61 11.50 -20.98
C ALA F 106 11.89 12.15 -22.16
N ASP F 107 12.53 13.11 -22.81
CA ASP F 107 11.89 13.75 -23.95
C ASP F 107 11.80 12.79 -25.14
N TYR F 108 12.81 11.94 -25.33
CA TYR F 108 12.75 10.94 -26.40
C TYR F 108 11.65 9.92 -26.16
N ALA F 109 11.53 9.43 -24.92
CA ALA F 109 10.51 8.43 -24.62
C ALA F 109 9.11 9.05 -24.71
N GLU F 110 8.96 10.30 -24.24
CA GLU F 110 7.66 10.93 -24.22
C GLU F 110 7.11 11.14 -25.63
N GLU F 111 7.97 11.53 -26.58
CA GLU F 111 7.50 11.74 -27.94
C GLU F 111 7.09 10.44 -28.60
N PHE F 112 7.77 9.33 -28.28
CA PHE F 112 7.33 8.05 -28.81
C PHE F 112 5.98 7.63 -28.24
N ARG F 113 5.80 7.78 -26.92
CA ARG F 113 4.53 7.43 -26.31
C ARG F 113 3.36 8.19 -26.93
N ASN F 114 3.57 9.47 -27.26
CA ASN F 114 2.49 10.22 -27.89
C ASN F 114 2.22 9.78 -29.32
N LYS F 115 3.25 9.36 -30.04
CA LYS F 115 3.05 8.92 -31.42
C LYS F 115 2.34 7.57 -31.49
N LEU F 116 2.46 6.75 -30.46
CA LEU F 116 1.80 5.45 -30.49
C LEU F 116 0.32 5.58 -30.12
N GLU F 117 -0.01 6.47 -29.19
CA GLU F 117 -1.41 6.69 -28.84
C GLU F 117 -1.85 8.13 -29.14
N ASN G 1 5.78 -20.10 -2.36
CA ASN G 1 5.97 -18.66 -2.52
C ASN G 1 5.47 -17.91 -1.29
N ARG G 2 4.64 -18.56 -0.48
CA ARG G 2 4.02 -17.93 0.68
C ARG G 2 4.35 -18.63 1.99
N ARG G 3 5.25 -19.61 1.96
CA ARG G 3 5.49 -20.44 3.15
C ARG G 3 6.09 -19.64 4.30
N TYR G 4 6.77 -18.54 4.02
CA TYR G 4 7.52 -17.79 5.01
C TYR G 4 6.82 -16.52 5.46
N ASP G 5 5.58 -16.29 5.00
CA ASP G 5 4.93 -15.01 5.29
C ASP G 5 4.61 -14.87 6.76
N SER G 6 4.13 -15.93 7.40
CA SER G 6 3.85 -15.86 8.83
C SER G 6 5.13 -15.62 9.63
N GLU G 7 6.24 -16.24 9.21
CA GLU G 7 7.51 -16.04 9.91
C GLU G 7 8.04 -14.63 9.71
N PHE G 8 7.96 -14.11 8.49
CA PHE G 8 8.35 -12.71 8.24
C PHE G 8 7.55 -11.76 9.12
N GLN G 9 6.26 -12.03 9.30
CA GLN G 9 5.42 -11.15 10.09
C GLN G 9 5.82 -11.18 11.56
N THR G 10 6.09 -12.37 12.10
CA THR G 10 6.47 -12.48 13.51
C THR G 10 7.83 -11.85 13.77
N MET G 11 8.72 -11.87 12.79
CA MET G 11 10.02 -11.21 12.94
C MET G 11 9.84 -9.70 13.07
N LEU G 12 8.97 -9.10 12.24
CA LEU G 12 8.77 -7.66 12.28
C LEU G 12 8.07 -7.24 13.58
N GLN G 13 7.15 -8.05 14.08
CA GLN G 13 6.46 -7.71 15.32
C GLN G 13 7.37 -7.84 16.54
N HIS G 14 8.37 -8.72 16.48
CA HIS G 14 9.33 -8.80 17.58
C HIS G 14 10.26 -7.58 17.58
N LEU G 15 10.74 -7.19 16.39
CA LEU G 15 11.65 -6.06 16.30
C LEU G 15 10.91 -4.74 16.51
N GLN G 16 9.67 -4.65 16.03
CA GLN G 16 8.90 -3.41 16.07
C GLN G 16 9.67 -2.21 15.52
N PRO G 17 10.05 -2.23 14.24
CA PRO G 17 10.79 -1.10 13.69
C PRO G 17 9.84 0.04 13.32
N THR G 18 10.43 1.22 13.17
CA THR G 18 9.72 2.42 12.79
C THR G 18 10.30 2.94 11.48
N ALA G 19 9.68 4.01 10.96
CA ALA G 19 10.20 4.62 9.74
C ALA G 19 11.59 5.20 9.94
N GLU G 20 11.94 5.59 11.16
CA GLU G 20 13.22 6.26 11.39
C GLU G 20 14.38 5.26 11.46
N ASN G 21 14.16 4.12 12.12
CA ASN G 21 15.24 3.15 12.35
C ASN G 21 15.17 1.92 11.45
N ALA G 22 14.21 1.87 10.52
CA ALA G 22 14.05 0.66 9.71
C ALA G 22 15.25 0.42 8.81
N TYR G 23 15.73 1.47 8.15
CA TYR G 23 16.83 1.29 7.20
C TYR G 23 18.12 0.95 7.93
N GLU G 24 18.35 1.56 9.09
CA GLU G 24 19.51 1.19 9.88
C GLU G 24 19.45 -0.27 10.29
N TYR G 25 18.30 -0.72 10.80
CA TYR G 25 18.16 -2.12 11.19
C TYR G 25 18.37 -3.04 10.00
N PHE G 26 17.84 -2.67 8.83
CA PHE G 26 17.95 -3.55 7.66
C PHE G 26 19.40 -3.69 7.19
N THR G 27 20.14 -2.59 7.13
CA THR G 27 21.53 -2.67 6.66
C THR G 27 22.38 -3.50 7.60
N LYS G 28 22.11 -3.42 8.91
CA LYS G 28 22.82 -4.27 9.87
C LYS G 28 22.47 -5.74 9.65
N ILE G 29 21.20 -6.04 9.44
CA ILE G 29 20.78 -7.40 9.14
C ILE G 29 21.43 -7.88 7.85
N ALA G 30 21.37 -7.05 6.80
CA ALA G 30 21.91 -7.44 5.50
C ALA G 30 23.41 -7.70 5.58
N THR G 31 24.14 -6.86 6.30
CA THR G 31 25.59 -7.02 6.36
C THR G 31 25.97 -8.27 7.13
N SER G 32 25.41 -8.47 8.32
CA SER G 32 25.74 -9.65 9.11
C SER G 32 25.39 -10.93 8.38
N LEU G 33 24.29 -10.91 7.62
CA LEU G 33 23.87 -12.10 6.90
C LEU G 33 24.85 -12.44 5.78
N PHE G 34 25.19 -11.47 4.94
CA PHE G 34 26.10 -11.72 3.82
C PHE G 34 27.52 -11.97 4.30
N GLU G 35 27.90 -11.44 5.46
CA GLU G 35 29.22 -11.75 5.99
C GLU G 35 29.35 -13.23 6.32
N SER G 36 28.25 -13.89 6.70
CA SER G 36 28.30 -15.32 6.94
C SER G 36 28.10 -16.15 5.67
N GLY G 37 27.78 -15.53 4.55
CA GLY G 37 27.60 -16.26 3.30
C GLY G 37 26.54 -15.66 2.40
N ILE G 38 26.77 -15.68 1.09
CA ILE G 38 25.82 -15.19 0.11
C ILE G 38 25.45 -16.34 -0.83
N ASN G 39 24.15 -16.56 -1.01
CA ASN G 39 23.68 -17.54 -1.97
C ASN G 39 22.30 -17.10 -2.45
N TRP G 40 21.76 -17.85 -3.40
CA TRP G 40 20.47 -17.50 -4.00
C TRP G 40 19.38 -17.39 -2.94
N GLY G 41 19.29 -18.39 -2.05
CA GLY G 41 18.20 -18.40 -1.08
C GLY G 41 18.29 -17.27 -0.08
N ARG G 42 19.51 -16.89 0.32
CA ARG G 42 19.70 -15.80 1.27
C ARG G 42 19.41 -14.44 0.64
N VAL G 43 19.71 -14.28 -0.64
CA VAL G 43 19.37 -13.02 -1.31
C VAL G 43 17.86 -12.89 -1.46
N VAL G 44 17.17 -14.00 -1.76
CA VAL G 44 15.72 -13.94 -1.85
C VAL G 44 15.10 -13.64 -0.49
N ALA G 45 15.59 -14.31 0.55
CA ALA G 45 15.04 -14.09 1.88
C ALA G 45 15.28 -12.66 2.35
N LEU G 46 16.47 -12.11 2.05
CA LEU G 46 16.77 -10.75 2.48
C LEU G 46 15.90 -9.73 1.75
N LEU G 47 15.80 -9.84 0.44
CA LEU G 47 14.90 -8.95 -0.30
C LEU G 47 13.46 -9.14 0.12
N GLY G 48 13.05 -10.39 0.38
CA GLY G 48 11.72 -10.63 0.91
C GLY G 48 11.49 -9.94 2.24
N PHE G 49 12.47 -10.04 3.14
CA PHE G 49 12.41 -9.26 4.38
C PHE G 49 12.44 -7.77 4.10
N GLY G 50 13.28 -7.35 3.15
CA GLY G 50 13.45 -5.94 2.88
C GLY G 50 12.15 -5.27 2.49
N TYR G 51 11.42 -5.86 1.53
CA TYR G 51 10.21 -5.20 1.04
C TYR G 51 9.03 -5.41 1.99
N ARG G 52 9.00 -6.53 2.71
CA ARG G 52 7.98 -6.68 3.75
C ARG G 52 8.25 -5.77 4.94
N LEU G 53 9.52 -5.45 5.20
CA LEU G 53 9.81 -4.43 6.21
C LEU G 53 9.28 -3.07 5.79
N ALA G 54 9.43 -2.74 4.51
CA ALA G 54 8.92 -1.46 4.01
C ALA G 54 7.41 -1.38 4.12
N LEU G 55 6.71 -2.46 3.74
CA LEU G 55 5.25 -2.45 3.83
C LEU G 55 4.79 -2.36 5.28
N HIS G 56 5.50 -3.01 6.19
CA HIS G 56 5.14 -2.97 7.60
C HIS G 56 5.29 -1.57 8.17
N VAL G 57 6.39 -0.90 7.84
CA VAL G 57 6.65 0.43 8.38
C VAL G 57 5.69 1.45 7.79
N TYR G 58 5.36 1.33 6.51
CA TYR G 58 4.55 2.35 5.85
C TYR G 58 3.05 2.10 5.96
N GLN G 59 2.60 0.85 6.15
CA GLN G 59 1.19 0.66 6.44
C GLN G 59 0.84 1.25 7.80
N HIS G 60 1.83 1.36 8.69
CA HIS G 60 1.59 2.00 9.98
C HIS G 60 1.14 3.44 9.79
N GLY G 61 1.84 4.20 8.93
CA GLY G 61 1.43 5.56 8.67
C GLY G 61 0.18 5.67 7.83
N LEU G 62 -0.07 4.69 6.98
CA LEU G 62 -1.23 4.74 6.12
C LEU G 62 -2.52 4.63 6.92
N THR G 63 -2.62 3.61 7.79
CA THR G 63 -3.80 3.44 8.62
C THR G 63 -4.01 4.62 9.58
N GLY G 64 -2.92 5.28 9.97
CA GLY G 64 -3.06 6.45 10.82
C GLY G 64 -3.74 7.59 10.09
N PHE G 65 -3.28 7.92 8.87
CA PHE G 65 -3.89 9.01 8.11
C PHE G 65 -5.36 8.70 7.79
N LEU G 66 -5.65 7.44 7.44
CA LEU G 66 -7.04 7.05 7.19
C LEU G 66 -7.88 7.22 8.44
N GLY G 67 -7.33 6.85 9.60
CA GLY G 67 -8.04 7.07 10.85
C GLY G 67 -8.30 8.54 11.11
N GLN G 68 -7.31 9.39 10.86
CA GLN G 68 -7.49 10.83 11.06
C GLN G 68 -8.53 11.39 10.10
N VAL G 69 -8.49 10.96 8.85
CA VAL G 69 -9.42 11.50 7.85
C VAL G 69 -10.85 11.12 8.18
N THR G 70 -11.10 9.84 8.49
CA THR G 70 -12.46 9.42 8.78
C THR G 70 -12.98 10.04 10.06
N ARG G 71 -12.17 10.04 11.13
CA ARG G 71 -12.59 10.64 12.38
C ARG G 71 -12.89 12.12 12.20
N PHE G 72 -12.12 12.81 11.36
CA PHE G 72 -12.39 14.22 11.10
C PHE G 72 -13.72 14.40 10.38
N VAL G 73 -13.97 13.61 9.33
CA VAL G 73 -15.16 13.79 8.52
C VAL G 73 -16.42 13.51 9.34
N VAL G 74 -16.39 12.47 10.17
CA VAL G 74 -17.55 12.18 11.00
C VAL G 74 -17.67 13.21 12.13
N ASP G 75 -16.53 13.78 12.57
CA ASP G 75 -16.59 14.85 13.55
C ASP G 75 -17.31 16.07 12.99
N PHE G 76 -17.01 16.44 11.75
CA PHE G 76 -17.72 17.54 11.11
C PHE G 76 -19.18 17.17 10.87
N MET G 77 -19.46 15.91 10.53
CA MET G 77 -20.85 15.49 10.36
C MET G 77 -21.59 15.34 11.68
N LEU G 78 -20.91 15.42 12.83
CA LEU G 78 -21.59 15.25 14.10
C LEU G 78 -22.27 16.55 14.56
N HIS G 79 -21.56 17.68 14.47
CA HIS G 79 -22.17 18.95 14.85
C HIS G 79 -23.09 19.50 13.77
N HIS G 80 -22.75 19.27 12.50
CA HIS G 80 -23.55 19.76 11.37
C HIS G 80 -24.51 18.71 10.82
N SER G 81 -25.05 17.85 11.68
CA SER G 81 -26.02 16.82 11.29
C SER G 81 -25.48 15.93 10.16
N ALA H 3 15.74 -46.31 -7.29
CA ALA H 3 15.19 -45.14 -6.61
C ALA H 3 16.27 -44.10 -6.36
N ASP H 4 16.65 -43.39 -7.42
CA ASP H 4 17.62 -42.30 -7.34
C ASP H 4 17.03 -41.08 -6.65
N PRO H 5 15.75 -40.75 -6.84
CA PRO H 5 15.17 -39.68 -6.01
C PRO H 5 15.22 -39.95 -4.52
N LYS H 6 15.25 -41.22 -4.11
CA LYS H 6 15.40 -41.51 -2.69
C LYS H 6 16.76 -41.04 -2.18
N LYS H 7 17.77 -41.06 -3.05
CA LYS H 7 19.09 -40.52 -2.69
C LYS H 7 19.05 -38.99 -2.63
N VAL H 8 18.37 -38.37 -3.59
CA VAL H 8 18.30 -36.91 -3.61
C VAL H 8 17.52 -36.39 -2.40
N LEU H 9 16.48 -37.11 -2.00
CA LEU H 9 15.70 -36.71 -0.84
C LEU H 9 16.51 -36.83 0.45
N ASP H 10 17.36 -37.85 0.53
CA ASP H 10 18.22 -37.98 1.72
C ASP H 10 19.25 -36.86 1.78
N GLN H 11 19.76 -36.41 0.63
CA GLN H 11 20.68 -35.28 0.64
C GLN H 11 19.97 -34.01 1.06
N ALA H 12 18.73 -33.81 0.60
CA ALA H 12 17.97 -32.62 0.99
C ALA H 12 17.55 -32.69 2.46
N LYS H 13 17.13 -33.87 2.91
CA LYS H 13 16.76 -34.05 4.31
C LYS H 13 17.95 -33.83 5.23
N ASP H 14 19.12 -34.38 4.88
CA ASP H 14 20.29 -34.19 5.71
C ASP H 14 20.76 -32.74 5.71
N GLN H 15 20.73 -32.08 4.54
CA GLN H 15 21.18 -30.69 4.47
C GLN H 15 20.23 -29.77 5.24
N MET H 16 18.93 -29.99 5.12
CA MET H 16 17.97 -29.19 5.88
C MET H 16 18.12 -29.43 7.38
N GLU H 17 18.65 -30.58 7.78
CA GLU H 17 18.87 -30.82 9.18
C GLU H 17 20.10 -30.06 9.68
N ASN H 18 21.11 -29.85 8.83
CA ASN H 18 22.25 -29.01 9.21
C ASN H 18 21.80 -27.58 9.48
N VAL H 19 20.95 -27.04 8.59
CA VAL H 19 20.45 -25.68 8.74
C VAL H 19 19.72 -25.52 10.06
N VAL H 20 18.86 -26.49 10.37
CA VAL H 20 18.01 -26.40 11.59
C VAL H 20 18.87 -26.49 12.85
N ARG H 21 20.00 -27.20 12.77
CA ARG H 21 20.92 -27.32 13.92
C ARG H 21 21.68 -26.02 14.08
N THR H 22 22.18 -25.46 12.98
CA THR H 22 22.88 -24.17 13.04
C THR H 22 21.95 -23.13 13.68
N LEU H 23 20.69 -23.04 13.23
CA LEU H 23 19.76 -22.11 13.83
C LEU H 23 19.56 -22.39 15.32
N LYS H 24 19.38 -23.67 15.67
CA LYS H 24 19.16 -24.03 17.07
C LYS H 24 20.37 -23.68 17.94
N GLN H 25 21.57 -24.00 17.47
CA GLN H 25 22.76 -23.76 18.28
C GLN H 25 23.04 -22.27 18.41
N GLU H 26 22.75 -21.48 17.36
CA GLU H 26 22.94 -20.05 17.50
C GLU H 26 21.86 -19.43 18.37
N LEU H 27 20.62 -19.95 18.30
CA LEU H 27 19.56 -19.46 19.19
C LEU H 27 19.82 -19.84 20.63
N GLU H 28 20.50 -20.98 20.88
CA GLU H 28 20.91 -21.29 22.25
C GLU H 28 21.94 -20.28 22.74
N GLU H 29 22.89 -19.90 21.88
CA GLU H 29 23.87 -18.91 22.28
C GLU H 29 23.23 -17.55 22.51
N LEU H 30 22.22 -17.20 21.72
CA LEU H 30 21.51 -15.94 21.91
C LEU H 30 20.67 -15.96 23.19
N ALA H 31 20.09 -17.12 23.52
CA ALA H 31 19.30 -17.21 24.75
C ALA H 31 20.17 -17.09 26.00
N LYS H 32 21.39 -17.62 25.95
CA LYS H 32 22.31 -17.45 27.07
C LYS H 32 22.64 -15.99 27.32
N GLU H 33 22.87 -15.23 26.25
CA GLU H 33 23.18 -13.82 26.39
C GLU H 33 21.94 -13.01 26.77
N ALA H 34 20.75 -13.57 26.56
CA ALA H 34 19.54 -12.85 26.94
C ALA H 34 19.20 -13.01 28.41
N ARG H 35 19.78 -14.00 29.10
CA ARG H 35 19.58 -14.13 30.54
C ARG H 35 20.53 -13.25 31.34
N LYS H 36 21.34 -12.44 30.66
CA LYS H 36 22.27 -11.57 31.38
C LYS H 36 21.52 -10.58 32.25
N LEU H 37 21.95 -10.46 33.49
CA LEU H 37 21.40 -9.48 34.41
C LEU H 37 21.98 -8.12 34.07
N ASP H 38 21.18 -7.07 34.34
CA ASP H 38 21.51 -5.71 33.95
C ASP H 38 21.64 -5.64 32.42
N LEU H 39 20.65 -6.22 31.75
CA LEU H 39 20.60 -6.21 30.30
C LEU H 39 20.04 -4.88 29.83
N THR H 40 20.81 -4.16 29.00
CA THR H 40 20.35 -2.88 28.48
C THR H 40 19.26 -3.10 27.43
N GLN H 41 18.42 -2.08 27.24
CA GLN H 41 17.47 -2.13 26.13
C GLN H 41 18.19 -2.11 24.80
N SER H 42 19.36 -1.45 24.74
CA SER H 42 20.17 -1.48 23.54
C SER H 42 20.69 -2.89 23.27
N GLU H 43 21.18 -3.57 24.30
CA GLU H 43 21.61 -4.95 24.15
C GLU H 43 20.43 -5.86 23.81
N LYS H 44 19.24 -5.53 24.32
CA LYS H 44 18.05 -6.33 23.99
C LYS H 44 17.69 -6.19 22.51
N ILE H 45 17.89 -5.00 21.93
CA ILE H 45 17.61 -4.83 20.51
C ILE H 45 18.65 -5.57 19.68
N GLU H 46 19.92 -5.50 20.07
CA GLU H 46 20.96 -6.17 19.32
C GLU H 46 20.79 -7.68 19.33
N LEU H 47 20.22 -8.25 20.39
CA LEU H 47 19.89 -9.68 20.37
C LEU H 47 18.75 -9.97 19.40
N LYS H 48 17.80 -9.04 19.28
CA LYS H 48 16.71 -9.24 18.33
C LYS H 48 17.23 -9.22 16.90
N LEU H 49 18.18 -8.32 16.60
CA LEU H 49 18.73 -8.23 15.25
C LEU H 49 19.52 -9.49 14.90
N ARG H 50 20.31 -10.02 15.83
CA ARG H 50 21.06 -11.24 15.52
C ARG H 50 20.13 -12.43 15.35
N TYR H 51 18.98 -12.43 16.04
CA TYR H 51 18.00 -13.48 15.81
C TYR H 51 17.46 -13.43 14.40
N ILE H 52 17.16 -12.23 13.92
CA ILE H 52 16.62 -12.07 12.57
C ILE H 52 17.65 -12.49 11.53
N VAL H 53 18.92 -12.19 11.78
CA VAL H 53 19.99 -12.64 10.88
C VAL H 53 20.02 -14.17 10.80
N ALA H 54 19.93 -14.83 11.97
CA ALA H 54 19.97 -16.28 12.00
C ALA H 54 18.72 -16.91 11.41
N HIS H 55 17.55 -16.31 11.67
CA HIS H 55 16.31 -16.86 11.14
C HIS H 55 16.24 -16.74 9.63
N LEU H 56 16.78 -15.64 9.07
CA LEU H 56 16.83 -15.49 7.63
C LEU H 56 17.80 -16.48 7.00
N ALA H 57 18.96 -16.68 7.63
CA ALA H 57 19.91 -17.68 7.12
C ALA H 57 19.28 -19.06 7.09
N ALA H 58 18.47 -19.38 8.10
CA ALA H 58 17.78 -20.66 8.10
C ALA H 58 16.75 -20.75 6.98
N ILE H 59 16.09 -19.64 6.67
CA ILE H 59 15.14 -19.64 5.56
C ILE H 59 15.88 -19.80 4.23
N GLY H 60 16.90 -18.98 3.99
CA GLY H 60 17.55 -18.98 2.70
C GLY H 60 18.34 -20.23 2.40
N ASP H 61 18.96 -20.82 3.42
CA ASP H 61 19.73 -22.04 3.18
C ASP H 61 18.82 -23.25 2.99
N ILE H 62 17.61 -23.22 3.58
CA ILE H 62 16.64 -24.26 3.27
C ILE H 62 16.14 -24.09 1.84
N GLU H 63 15.90 -22.86 1.41
CA GLU H 63 15.59 -22.60 0.01
C GLU H 63 16.75 -22.95 -0.91
N GLU H 64 17.96 -23.03 -0.38
CA GLU H 64 19.09 -23.44 -1.20
C GLU H 64 19.11 -24.96 -1.35
N ALA H 65 18.84 -25.70 -0.28
CA ALA H 65 18.81 -27.16 -0.35
C ALA H 65 17.65 -27.65 -1.21
N ILE H 66 16.49 -26.99 -1.10
CA ILE H 66 15.34 -27.35 -1.92
C ILE H 66 15.64 -27.12 -3.39
N ARG H 67 16.28 -25.99 -3.72
CA ARG H 67 16.56 -25.67 -5.12
C ARG H 67 17.50 -26.70 -5.74
N GLU H 68 18.55 -27.10 -5.02
CA GLU H 68 19.49 -28.08 -5.56
C GLU H 68 18.83 -29.43 -5.77
N ALA H 69 17.95 -29.84 -4.85
CA ALA H 69 17.26 -31.11 -5.02
C ALA H 69 16.36 -31.09 -6.25
N LYS H 70 15.70 -29.95 -6.50
CA LYS H 70 14.85 -29.85 -7.68
C LYS H 70 15.68 -29.84 -8.95
N GLU H 71 16.88 -29.26 -8.92
CA GLU H 71 17.73 -29.26 -10.11
C GLU H 71 18.37 -30.62 -10.34
N GLU H 72 18.70 -31.35 -9.27
CA GLU H 72 19.24 -32.69 -9.42
C GLU H 72 18.20 -33.66 -9.98
N ALA H 73 16.92 -33.42 -9.70
CA ALA H 73 15.86 -34.25 -10.28
C ALA H 73 15.57 -33.87 -11.73
N ASP H 74 15.73 -32.59 -12.09
CA ASP H 74 15.58 -32.19 -13.49
C ASP H 74 16.62 -32.89 -14.36
N LYS H 75 17.83 -33.10 -13.85
CA LYS H 75 18.81 -33.88 -14.58
C LYS H 75 18.35 -35.32 -14.76
N LEU H 76 17.81 -35.93 -13.71
CA LEU H 76 17.33 -37.30 -13.80
C LEU H 76 16.16 -37.42 -14.78
N LYS H 77 15.28 -36.42 -14.78
CA LYS H 77 14.12 -36.46 -15.69
C LYS H 77 14.55 -36.36 -17.14
N ARG H 78 15.45 -35.42 -17.45
CA ARG H 78 15.87 -35.23 -18.83
C ARG H 78 16.66 -36.43 -19.34
N ALA H 79 17.44 -37.08 -18.48
CA ALA H 79 18.13 -38.30 -18.89
C ALA H 79 17.15 -39.43 -19.14
N GLY H 80 16.10 -39.52 -18.33
CA GLY H 80 15.12 -40.57 -18.44
C GLY H 80 15.10 -41.57 -17.30
N LEU H 81 15.77 -41.28 -16.19
CA LEU H 81 15.78 -42.19 -15.05
C LEU H 81 14.45 -42.19 -14.30
N VAL H 82 13.65 -41.14 -14.41
CA VAL H 82 12.34 -41.06 -13.77
C VAL H 82 11.28 -40.75 -14.81
N ASN H 83 10.11 -41.36 -14.66
CA ASN H 83 8.99 -41.05 -15.53
C ASN H 83 8.17 -39.91 -14.91
N SER H 84 7.06 -39.55 -15.55
CA SER H 84 6.24 -38.46 -15.05
C SER H 84 5.65 -38.80 -13.68
N GLN H 85 5.23 -40.05 -13.48
CA GLN H 85 4.64 -40.44 -12.21
C GLN H 85 5.70 -40.48 -11.11
N GLN H 86 6.88 -41.02 -11.42
CA GLN H 86 7.97 -41.05 -10.45
C GLN H 86 8.49 -39.64 -10.17
N PHE H 87 8.48 -38.75 -11.16
CA PHE H 87 8.95 -37.40 -10.92
C PHE H 87 7.99 -36.65 -10.01
N ASP H 88 6.68 -36.77 -10.25
CA ASP H 88 5.71 -36.08 -9.42
C ASP H 88 5.68 -36.65 -8.01
N GLU H 89 6.04 -37.93 -7.84
CA GLU H 89 6.19 -38.49 -6.51
C GLU H 89 7.35 -37.82 -5.77
N PHE H 90 8.43 -37.49 -6.51
CA PHE H 90 9.59 -36.85 -5.90
C PHE H 90 9.23 -35.50 -5.32
N LYS H 91 8.60 -34.63 -6.10
CA LYS H 91 8.29 -33.29 -5.62
C LYS H 91 7.27 -33.32 -4.49
N ARG H 92 6.44 -34.35 -4.41
CA ARG H 92 5.52 -34.47 -3.28
C ARG H 92 6.28 -34.84 -2.01
N ARG H 93 7.22 -35.79 -2.10
CA ARG H 93 8.02 -36.14 -0.93
C ARG H 93 9.05 -35.06 -0.60
N LEU H 94 9.47 -34.27 -1.59
CA LEU H 94 10.34 -33.13 -1.30
C LEU H 94 9.59 -32.02 -0.58
N GLU H 95 8.30 -31.89 -0.84
CA GLU H 95 7.53 -30.83 -0.20
C GLU H 95 7.26 -31.17 1.27
N GLU H 96 7.11 -32.46 1.59
CA GLU H 96 6.92 -32.86 2.99
C GLU H 96 8.20 -32.66 3.80
N LEU H 97 9.35 -33.00 3.23
CA LEU H 97 10.61 -32.70 3.88
C LEU H 97 10.77 -31.20 4.11
N HIS H 98 10.29 -30.39 3.16
CA HIS H 98 10.34 -28.93 3.30
C HIS H 98 9.37 -28.44 4.37
N LYS H 99 8.13 -28.95 4.36
CA LYS H 99 7.13 -28.52 5.35
C LYS H 99 7.56 -28.87 6.78
N GLU H 100 8.29 -29.97 6.96
CA GLU H 100 8.74 -30.33 8.30
C GLU H 100 9.95 -29.49 8.72
N ALA H 101 10.88 -29.24 7.80
CA ALA H 101 12.00 -28.37 8.13
C ALA H 101 11.53 -26.96 8.44
N ASP H 102 10.48 -26.49 7.75
CA ASP H 102 9.92 -25.18 8.06
C ASP H 102 9.26 -25.16 9.43
N ARG H 103 8.60 -26.26 9.81
CA ARG H 103 7.94 -26.32 11.11
C ARG H 103 8.93 -26.30 12.26
N LYS H 104 10.02 -27.05 12.14
CA LYS H 104 11.03 -27.06 13.20
C LYS H 104 11.76 -25.73 13.27
N ARG H 105 12.02 -25.12 12.12
CA ARG H 105 12.65 -23.80 12.11
C ARG H 105 11.78 -22.77 12.82
N ALA H 106 10.49 -22.75 12.48
CA ALA H 106 9.60 -21.77 13.08
C ALA H 106 9.38 -22.03 14.57
N ASP H 107 9.30 -23.30 14.97
CA ASP H 107 9.08 -23.61 16.39
C ASP H 107 10.31 -23.27 17.22
N TYR H 108 11.51 -23.49 16.68
CA TYR H 108 12.72 -23.10 17.38
C TYR H 108 12.81 -21.58 17.52
N ALA H 109 12.49 -20.85 16.45
CA ALA H 109 12.54 -19.40 16.51
C ALA H 109 11.43 -18.85 17.41
N GLU H 110 10.25 -19.47 17.39
CA GLU H 110 9.13 -18.98 18.18
C GLU H 110 9.40 -19.05 19.67
N GLU H 111 9.99 -20.16 20.15
CA GLU H 111 10.28 -20.28 21.56
C GLU H 111 11.39 -19.34 22.00
N PHE H 112 12.33 -19.02 21.10
CA PHE H 112 13.32 -18.00 21.43
C PHE H 112 12.69 -16.62 21.54
N ARG H 113 11.82 -16.26 20.59
CA ARG H 113 11.14 -14.97 20.67
C ARG H 113 10.34 -14.86 21.96
N ASN H 114 9.69 -15.95 22.38
CA ASN H 114 8.96 -15.94 23.63
C ASN H 114 9.89 -15.94 24.82
N LYS H 115 11.08 -16.54 24.69
CA LYS H 115 12.04 -16.58 25.79
C LYS H 115 12.65 -15.20 26.05
N LEU H 116 12.75 -14.36 25.02
CA LEU H 116 13.39 -13.05 25.17
C LEU H 116 12.52 -12.03 25.88
N GLU H 117 11.25 -12.33 26.15
CA GLU H 117 10.37 -11.39 26.83
C GLU H 117 9.54 -12.09 27.91
#